data_3GOB
#
_entry.id   3GOB
#
_cell.length_a   81.010
_cell.length_b   81.010
_cell.length_c   161.050
_cell.angle_alpha   90.00
_cell.angle_beta   90.00
_cell.angle_gamma   120.00
#
_symmetry.space_group_name_H-M   'P 32'
#
loop_
_entity.id
_entity.type
_entity.pdbx_description
1 polymer DdmC
2 non-polymer 'FE2/S2 (INORGANIC) CLUSTER'
3 non-polymer 'COBALT (II) ION'
4 non-polymer '3,6-dichloro-2-hydroxybenzoic acid'
5 water water
#
_entity_poly.entity_id   1
_entity_poly.type   'polypeptide(L)'
_entity_poly.pdbx_seq_one_letter_code
;MATFVRNAWYVAALPEELSEKPLGRTILDTPLALYRQPDGVVAALLDICPHRFAPLSDGILVNGHLQCPYHGLEFDGGGQ
CVHNPHGNGARPASLNVRSFPVVERDALIWIWPGDPALADPGAIPDFGCRVDPAYRTVGGYGHVDCNYKLLVDNLMDLGH
AQYVHRANAQTDAFDRLEREVIVGDGEIQALMKIPGGTPSVLMAKFLRGANTPVDAWNDIRWNKVSAMLNFIAVAPEGTP
KEQSIHSRGTHILTPETEASCHYFFGSSRNFGIDDPEMDGVLRSWQAQALVKEDKVVVEAIERRRAYVEANGIRPAMLSC
DEAAVRVSREIEKLEQLEAARLEHHHHHH
;
_entity_poly.pdbx_strand_id   A,B,C
#
# COMPACT_ATOMS: atom_id res chain seq x y z
N MET A 1 -2.52 21.22 -3.31
CA MET A 1 -2.63 21.99 -2.03
C MET A 1 -2.42 21.09 -0.82
N ALA A 2 -1.17 20.71 -0.57
CA ALA A 2 -0.82 19.87 0.58
C ALA A 2 -0.36 20.81 1.66
N THR A 3 -0.06 22.02 1.23
CA THR A 3 0.42 23.13 2.04
C THR A 3 1.86 23.01 2.53
N PHE A 4 2.75 23.60 1.75
CA PHE A 4 4.18 23.64 2.04
C PHE A 4 4.56 25.10 1.85
N VAL A 5 5.60 25.55 2.54
CA VAL A 5 6.07 26.90 2.35
C VAL A 5 7.19 26.71 1.34
N ARG A 6 6.86 26.92 0.07
CA ARG A 6 7.83 26.73 -1.01
C ARG A 6 8.91 27.80 -1.12
N ASN A 7 8.60 29.03 -0.71
CA ASN A 7 9.58 30.09 -0.83
C ASN A 7 10.51 30.19 0.36
N ALA A 8 11.46 29.26 0.41
CA ALA A 8 12.42 29.22 1.49
C ALA A 8 13.47 28.19 1.13
N TRP A 9 14.61 28.27 1.80
CA TRP A 9 15.69 27.33 1.54
C TRP A 9 15.49 26.08 2.38
N TYR A 10 15.72 24.92 1.77
CA TYR A 10 15.61 23.64 2.45
C TYR A 10 16.84 22.81 2.13
N VAL A 11 17.24 21.96 3.07
CA VAL A 11 18.38 21.08 2.83
C VAL A 11 17.83 19.90 2.02
N ALA A 12 18.42 19.63 0.88
CA ALA A 12 17.97 18.53 0.03
C ALA A 12 18.88 17.31 0.19
N ALA A 13 20.09 17.53 0.72
CA ALA A 13 21.02 16.43 0.90
C ALA A 13 22.28 16.85 1.65
N LEU A 14 23.04 15.86 2.08
CA LEU A 14 24.31 16.11 2.75
C LEU A 14 25.31 15.96 1.61
N PRO A 15 26.38 16.75 1.61
CA PRO A 15 27.40 16.68 0.56
C PRO A 15 27.87 15.26 0.22
N GLU A 16 28.11 14.45 1.25
CA GLU A 16 28.58 13.09 1.04
C GLU A 16 27.63 12.20 0.25
N GLU A 17 26.37 12.62 0.13
CA GLU A 17 25.39 11.83 -0.59
C GLU A 17 25.44 12.04 -2.10
N LEU A 18 26.02 13.16 -2.52
CA LEU A 18 26.10 13.50 -3.94
C LEU A 18 27.42 13.15 -4.63
N SER A 19 27.33 12.76 -5.89
CA SER A 19 28.49 12.40 -6.69
C SER A 19 28.08 12.53 -8.15
N GLU A 20 28.84 11.93 -9.06
CA GLU A 20 28.49 11.99 -10.47
C GLU A 20 27.29 11.08 -10.76
N LYS A 21 26.97 10.18 -9.83
CA LYS A 21 25.81 9.32 -10.00
C LYS A 21 24.66 10.08 -9.34
N PRO A 22 23.68 10.52 -10.14
CA PRO A 22 22.52 11.27 -9.65
C PRO A 22 21.78 10.63 -8.49
N LEU A 23 21.25 11.48 -7.62
CA LEU A 23 20.45 11.02 -6.49
C LEU A 23 19.04 11.53 -6.78
N GLY A 24 18.07 10.61 -6.78
CA GLY A 24 16.70 11.01 -7.00
C GLY A 24 16.06 11.18 -5.63
N ARG A 25 15.56 12.36 -5.34
CA ARG A 25 14.92 12.62 -4.05
C ARG A 25 13.80 13.63 -4.21
N THR A 26 12.70 13.41 -3.50
CA THR A 26 11.54 14.29 -3.58
C THR A 26 11.50 15.30 -2.42
N ILE A 27 11.35 16.56 -2.79
CA ILE A 27 11.29 17.66 -1.82
C ILE A 27 10.00 18.43 -2.06
N LEU A 28 9.18 18.57 -1.03
CA LEU A 28 7.89 19.27 -1.15
C LEU A 28 7.13 18.74 -2.37
N ASP A 29 7.02 17.42 -2.46
CA ASP A 29 6.30 16.77 -3.57
C ASP A 29 6.91 17.04 -4.95
N THR A 30 8.15 17.50 -4.98
CA THR A 30 8.83 17.81 -6.22
C THR A 30 10.00 16.85 -6.39
N PRO A 31 9.96 16.00 -7.42
CA PRO A 31 11.04 15.04 -7.64
C PRO A 31 12.27 15.74 -8.21
N LEU A 32 13.41 15.57 -7.54
CA LEU A 32 14.66 16.20 -7.97
C LEU A 32 15.75 15.22 -8.34
N ALA A 33 16.62 15.66 -9.24
CA ALA A 33 17.79 14.87 -9.67
C ALA A 33 18.96 15.71 -9.15
N LEU A 34 19.66 15.17 -8.15
CA LEU A 34 20.77 15.90 -7.52
C LEU A 34 22.08 15.23 -7.85
N TYR A 35 23.04 16.01 -8.32
CA TYR A 35 24.34 15.45 -8.67
C TYR A 35 25.45 16.49 -8.68
N ARG A 36 26.68 16.03 -8.55
CA ARG A 36 27.84 16.90 -8.56
C ARG A 36 28.48 16.81 -9.94
N GLN A 37 28.67 17.96 -10.58
CA GLN A 37 29.27 17.98 -11.90
C GLN A 37 30.77 17.73 -11.79
N PRO A 38 31.44 17.49 -12.92
CA PRO A 38 32.88 17.23 -12.88
C PRO A 38 33.70 18.37 -12.26
N ASP A 39 33.20 19.60 -12.35
CA ASP A 39 33.91 20.74 -11.77
C ASP A 39 33.66 20.82 -10.27
N GLY A 40 32.92 19.83 -9.75
CA GLY A 40 32.62 19.81 -8.33
C GLY A 40 31.38 20.56 -7.91
N VAL A 41 30.74 21.25 -8.84
CA VAL A 41 29.54 22.02 -8.52
C VAL A 41 28.28 21.17 -8.55
N VAL A 42 27.49 21.28 -7.49
CA VAL A 42 26.25 20.54 -7.38
C VAL A 42 25.14 21.15 -8.23
N ALA A 43 24.36 20.30 -8.90
CA ALA A 43 23.25 20.77 -9.72
C ALA A 43 21.97 20.09 -9.25
N ALA A 44 20.84 20.77 -9.41
CA ALA A 44 19.54 20.26 -8.99
C ALA A 44 18.52 20.49 -10.09
N LEU A 45 18.13 19.41 -10.78
CA LEU A 45 17.16 19.48 -11.87
C LEU A 45 15.86 18.78 -11.54
N LEU A 46 14.76 19.23 -12.15
CA LEU A 46 13.48 18.56 -11.96
C LEU A 46 13.74 17.16 -12.54
N ASP A 47 13.43 16.12 -11.76
CA ASP A 47 13.65 14.74 -12.19
C ASP A 47 12.58 14.24 -13.15
N ILE A 48 12.34 15.01 -14.21
CA ILE A 48 11.34 14.67 -15.20
C ILE A 48 11.84 15.18 -16.54
N CYS A 49 12.22 14.27 -17.44
CA CYS A 49 12.71 14.71 -18.72
C CYS A 49 11.60 15.38 -19.51
N PRO A 50 11.91 16.53 -20.12
CA PRO A 50 10.98 17.33 -20.93
C PRO A 50 10.39 16.56 -22.11
N HIS A 51 11.14 15.60 -22.63
CA HIS A 51 10.68 14.81 -23.77
C HIS A 51 9.49 13.93 -23.40
N ARG A 52 9.76 12.82 -22.71
CA ARG A 52 8.71 11.91 -22.32
C ARG A 52 8.60 11.60 -20.83
N PHE A 53 9.22 12.47 -20.02
CA PHE A 53 9.14 12.37 -18.56
C PHE A 53 9.93 11.30 -17.82
N ALA A 54 10.91 10.67 -18.46
CA ALA A 54 11.69 9.66 -17.76
C ALA A 54 12.50 10.33 -16.64
N PRO A 55 12.92 9.55 -15.64
CA PRO A 55 13.69 10.10 -14.53
C PRO A 55 15.15 10.35 -14.93
N LEU A 56 15.55 11.62 -14.97
CA LEU A 56 16.92 11.94 -15.31
C LEU A 56 17.86 11.35 -14.26
N SER A 57 17.35 11.15 -13.05
CA SER A 57 18.16 10.62 -11.96
C SER A 57 18.63 9.19 -12.21
N ASP A 58 18.04 8.53 -13.20
CA ASP A 58 18.44 7.16 -13.54
C ASP A 58 19.47 7.20 -14.65
N GLY A 59 19.86 8.39 -15.08
CA GLY A 59 20.86 8.48 -16.12
C GLY A 59 22.27 8.60 -15.58
N ILE A 60 23.22 8.81 -16.48
CA ILE A 60 24.62 8.97 -16.12
C ILE A 60 25.16 10.25 -16.77
N LEU A 61 26.30 10.70 -16.28
CA LEU A 61 26.91 11.89 -16.84
C LEU A 61 27.70 11.53 -18.10
N VAL A 62 27.56 12.37 -19.11
CA VAL A 62 28.26 12.20 -20.36
C VAL A 62 28.93 13.53 -20.64
N ASN A 63 30.25 13.57 -20.49
CA ASN A 63 31.01 14.80 -20.70
C ASN A 63 30.52 15.87 -19.74
N GLY A 64 30.25 15.47 -18.51
CA GLY A 64 29.79 16.42 -17.51
C GLY A 64 28.33 16.78 -17.64
N HIS A 65 27.64 16.18 -18.61
CA HIS A 65 26.22 16.47 -18.80
C HIS A 65 25.36 15.26 -18.45
N LEU A 66 24.28 15.52 -17.71
CA LEU A 66 23.37 14.45 -17.32
C LEU A 66 22.59 14.01 -18.56
N GLN A 67 22.71 12.72 -18.88
CA GLN A 67 22.03 12.15 -20.05
C GLN A 67 20.77 11.41 -19.62
N CYS A 68 19.66 11.72 -20.28
CA CYS A 68 18.41 11.03 -19.99
C CYS A 68 18.60 9.58 -20.43
N PRO A 69 18.28 8.62 -19.55
CA PRO A 69 18.43 7.19 -19.88
C PRO A 69 17.45 6.64 -20.92
N TYR A 70 16.45 7.44 -21.31
CA TYR A 70 15.45 6.97 -22.27
C TYR A 70 15.84 7.20 -23.73
N HIS A 71 15.93 8.47 -24.16
CA HIS A 71 16.33 8.73 -25.55
C HIS A 71 17.60 9.59 -25.69
N GLY A 72 18.35 9.70 -24.61
CA GLY A 72 19.62 10.41 -24.68
C GLY A 72 19.77 11.92 -24.69
N LEU A 73 18.73 12.69 -24.38
CA LEU A 73 18.89 14.14 -24.36
C LEU A 73 19.89 14.44 -23.24
N GLU A 74 20.76 15.42 -23.45
CA GLU A 74 21.75 15.78 -22.45
C GLU A 74 21.52 17.20 -21.93
N PHE A 75 21.67 17.38 -20.63
CA PHE A 75 21.43 18.67 -19.99
C PHE A 75 22.61 19.16 -19.18
N ASP A 76 22.74 20.48 -19.07
CA ASP A 76 23.80 21.06 -18.25
C ASP A 76 23.20 21.37 -16.89
N GLY A 77 24.04 21.79 -15.95
CA GLY A 77 23.59 22.10 -14.61
C GLY A 77 22.50 23.14 -14.50
N GLY A 78 22.35 23.96 -15.53
CA GLY A 78 21.32 24.98 -15.52
C GLY A 78 20.04 24.49 -16.17
N GLY A 79 20.03 23.22 -16.55
CA GLY A 79 18.84 22.65 -17.16
C GLY A 79 18.75 22.81 -18.68
N GLN A 80 19.71 23.52 -19.25
CA GLN A 80 19.72 23.73 -20.70
C GLN A 80 20.03 22.44 -21.43
N CYS A 81 19.26 22.13 -22.46
CA CYS A 81 19.51 20.92 -23.23
C CYS A 81 20.72 21.24 -24.10
N VAL A 82 21.82 20.52 -23.88
CA VAL A 82 23.04 20.78 -24.63
C VAL A 82 23.29 19.79 -25.77
N HIS A 83 22.44 18.77 -25.89
CA HIS A 83 22.61 17.80 -26.96
C HIS A 83 21.36 16.98 -27.23
N ASN A 84 20.97 16.94 -28.50
CA ASN A 84 19.83 16.17 -28.95
C ASN A 84 20.33 15.30 -30.10
N PRO A 85 20.53 14.00 -29.84
CA PRO A 85 21.03 13.05 -30.83
C PRO A 85 20.05 12.65 -31.92
N HIS A 86 18.87 13.25 -31.94
CA HIS A 86 17.86 12.89 -32.92
C HIS A 86 17.61 13.90 -34.03
N GLY A 87 17.30 13.38 -35.22
CA GLY A 87 17.04 14.23 -36.37
C GLY A 87 18.18 15.17 -36.68
N ASN A 88 17.84 16.43 -36.94
CA ASN A 88 18.85 17.43 -37.26
C ASN A 88 19.53 17.92 -35.98
N GLY A 89 19.22 17.27 -34.86
CA GLY A 89 19.83 17.63 -33.59
C GLY A 89 19.42 19.00 -33.08
N ALA A 90 18.27 19.48 -33.53
CA ALA A 90 17.78 20.79 -33.11
C ALA A 90 17.43 20.77 -31.63
N ARG A 91 17.66 21.90 -30.96
CA ARG A 91 17.37 22.00 -29.54
C ARG A 91 16.47 23.18 -29.21
N PRO A 92 15.15 23.03 -29.44
CA PRO A 92 14.21 24.11 -29.14
C PRO A 92 14.12 24.35 -27.63
N ALA A 93 13.71 25.55 -27.24
CA ALA A 93 13.60 25.89 -25.82
C ALA A 93 12.74 24.91 -25.05
N SER A 94 11.76 24.31 -25.71
CA SER A 94 10.88 23.35 -25.07
C SER A 94 11.62 22.14 -24.51
N LEU A 95 12.89 21.97 -24.89
CA LEU A 95 13.66 20.84 -24.41
C LEU A 95 14.46 21.08 -23.14
N ASN A 96 14.48 22.32 -22.64
CA ASN A 96 15.21 22.60 -21.42
C ASN A 96 14.43 22.07 -20.24
N VAL A 97 15.13 21.63 -19.20
CA VAL A 97 14.47 21.13 -18.00
C VAL A 97 14.64 22.14 -16.88
N ARG A 98 13.67 22.20 -15.96
CA ARG A 98 13.73 23.13 -14.84
C ARG A 98 14.90 22.87 -13.90
N SER A 99 15.60 23.93 -13.56
CA SER A 99 16.76 23.85 -12.68
C SER A 99 16.43 24.64 -11.41
N PHE A 100 16.82 24.11 -10.25
CA PHE A 100 16.52 24.77 -8.99
C PHE A 100 17.73 25.47 -8.40
N PRO A 101 17.51 26.64 -7.78
CA PRO A 101 18.63 27.37 -7.16
C PRO A 101 19.21 26.43 -6.10
N VAL A 102 20.53 26.28 -6.08
CA VAL A 102 21.14 25.38 -5.11
C VAL A 102 22.44 25.99 -4.59
N VAL A 103 22.67 25.85 -3.29
CA VAL A 103 23.86 26.39 -2.66
C VAL A 103 24.45 25.36 -1.70
N GLU A 104 25.73 25.04 -1.88
CA GLU A 104 26.40 24.13 -0.97
C GLU A 104 27.09 25.04 0.04
N ARG A 105 26.68 24.95 1.30
CA ARG A 105 27.26 25.78 2.35
C ARG A 105 27.12 25.07 3.69
N ASP A 106 28.13 25.24 4.55
CA ASP A 106 28.15 24.63 5.87
C ASP A 106 27.95 23.10 5.82
N ALA A 107 28.54 22.47 4.81
CA ALA A 107 28.46 21.02 4.64
C ALA A 107 27.00 20.60 4.53
N LEU A 108 26.22 21.39 3.80
CA LEU A 108 24.80 21.14 3.58
C LEU A 108 24.48 21.54 2.14
N ILE A 109 23.50 20.87 1.54
CA ILE A 109 23.10 21.20 0.20
C ILE A 109 21.73 21.86 0.29
N TRP A 110 21.69 23.18 0.11
CA TRP A 110 20.46 23.95 0.19
C TRP A 110 19.77 24.14 -1.16
N ILE A 111 18.45 24.06 -1.16
CA ILE A 111 17.69 24.21 -2.39
C ILE A 111 16.46 25.08 -2.20
N TRP A 112 16.14 25.88 -3.22
CA TRP A 112 14.97 26.76 -3.18
C TRP A 112 13.95 26.15 -4.14
N PRO A 113 12.92 25.48 -3.61
CA PRO A 113 11.89 24.84 -4.45
C PRO A 113 10.77 25.75 -4.93
N GLY A 114 10.74 27.00 -4.47
CA GLY A 114 9.66 27.89 -4.88
C GLY A 114 9.98 28.81 -6.04
N ASP A 115 9.40 30.02 -5.99
CA ASP A 115 9.60 31.02 -7.03
C ASP A 115 11.09 31.31 -7.11
N PRO A 116 11.74 30.91 -8.21
CA PRO A 116 13.18 31.13 -8.38
C PRO A 116 13.63 32.59 -8.38
N ALA A 117 12.73 33.49 -8.75
CA ALA A 117 13.08 34.91 -8.78
C ALA A 117 13.22 35.48 -7.37
N LEU A 118 12.68 34.76 -6.39
CA LEU A 118 12.72 35.22 -5.01
C LEU A 118 13.80 34.60 -4.13
N ALA A 119 14.62 33.71 -4.67
CA ALA A 119 15.67 33.04 -3.87
C ALA A 119 16.52 33.93 -2.96
N ASP A 120 17.79 34.10 -3.29
CA ASP A 120 18.76 34.90 -2.52
C ASP A 120 19.52 34.09 -1.49
N PRO A 121 20.72 33.64 -1.85
CA PRO A 121 21.58 32.84 -0.99
C PRO A 121 21.90 33.48 0.36
N GLY A 122 21.56 34.77 0.50
CA GLY A 122 21.84 35.45 1.75
C GLY A 122 20.86 35.14 2.88
N ALA A 123 19.69 34.61 2.54
CA ALA A 123 18.65 34.29 3.54
C ALA A 123 18.83 32.90 4.17
N ILE A 124 19.74 32.13 3.61
CA ILE A 124 20.06 30.79 4.08
C ILE A 124 20.53 30.80 5.52
N PRO A 125 19.94 29.94 6.37
CA PRO A 125 20.32 29.86 7.79
C PRO A 125 21.83 29.70 8.01
N ASP A 126 22.30 30.19 9.14
CA ASP A 126 23.72 30.10 9.46
C ASP A 126 24.07 28.86 10.26
N PHE A 127 24.80 27.94 9.64
CA PHE A 127 25.24 26.71 10.29
C PHE A 127 26.76 26.61 10.18
N GLY A 128 27.41 27.78 10.30
CA GLY A 128 28.86 27.85 10.19
C GLY A 128 29.65 26.87 11.02
N CYS A 129 29.15 26.52 12.21
CA CYS A 129 29.89 25.58 13.06
C CYS A 129 30.20 24.27 12.35
N ARG A 130 29.42 23.92 11.33
CA ARG A 130 29.62 22.68 10.60
C ARG A 130 30.90 22.64 9.77
N VAL A 131 31.45 23.81 9.45
CA VAL A 131 32.69 23.86 8.68
C VAL A 131 33.77 24.63 9.43
N ASP A 132 33.51 24.93 10.69
CA ASP A 132 34.47 25.66 11.52
C ASP A 132 35.51 24.64 11.99
N PRO A 133 36.78 24.88 11.64
CA PRO A 133 37.90 24.00 12.01
C PRO A 133 38.03 23.77 13.51
N ALA A 134 37.37 24.62 14.30
CA ALA A 134 37.43 24.48 15.76
C ALA A 134 36.42 23.44 16.26
N TYR A 135 35.58 22.95 15.36
CA TYR A 135 34.57 21.96 15.71
C TYR A 135 34.74 20.68 14.89
N ARG A 136 34.25 19.57 15.44
CA ARG A 136 34.30 18.28 14.76
C ARG A 136 32.84 17.91 14.52
N THR A 137 32.48 17.72 13.26
CA THR A 137 31.10 17.40 12.90
C THR A 137 30.90 16.01 12.35
N VAL A 138 29.89 15.32 12.87
CA VAL A 138 29.52 13.98 12.40
C VAL A 138 28.01 14.03 12.31
N GLY A 139 27.43 13.25 11.39
CA GLY A 139 25.99 13.24 11.27
C GLY A 139 25.48 12.26 10.24
N GLY A 140 24.22 12.41 9.87
CA GLY A 140 23.64 11.51 8.89
C GLY A 140 22.26 11.91 8.43
N TYR A 141 21.61 11.00 7.72
CA TYR A 141 20.28 11.21 7.16
C TYR A 141 19.28 10.19 7.64
N GLY A 142 18.03 10.61 7.76
CA GLY A 142 16.98 9.70 8.18
C GLY A 142 15.68 10.06 7.49
N HIS A 143 14.89 9.05 7.13
CA HIS A 143 13.60 9.28 6.49
C HIS A 143 12.55 8.96 7.54
N VAL A 144 11.52 9.81 7.64
CA VAL A 144 10.46 9.60 8.63
C VAL A 144 9.07 9.73 8.02
N ASP A 145 8.19 8.77 8.32
CA ASP A 145 6.82 8.80 7.82
C ASP A 145 5.86 9.64 8.65
N CYS A 146 6.16 10.93 8.75
CA CYS A 146 5.29 11.83 9.49
C CYS A 146 5.39 13.19 8.84
N ASN A 147 4.36 14.00 9.02
CA ASN A 147 4.37 15.35 8.50
C ASN A 147 5.52 16.02 9.24
N TYR A 148 6.31 16.82 8.54
CA TYR A 148 7.46 17.46 9.16
C TYR A 148 7.17 18.31 10.38
N LYS A 149 5.95 18.85 10.47
CA LYS A 149 5.65 19.69 11.62
C LYS A 149 5.66 18.94 12.95
N LEU A 150 5.41 17.63 12.90
CA LEU A 150 5.42 16.82 14.11
C LEU A 150 6.85 16.71 14.66
N LEU A 151 7.83 16.65 13.77
CA LEU A 151 9.22 16.57 14.19
C LEU A 151 9.72 17.95 14.62
N VAL A 152 9.15 19.01 14.04
CA VAL A 152 9.54 20.35 14.44
C VAL A 152 9.08 20.50 15.89
N ASP A 153 7.82 20.12 16.16
CA ASP A 153 7.28 20.18 17.52
C ASP A 153 8.23 19.42 18.47
N ASN A 154 8.61 18.22 18.06
CA ASN A 154 9.49 17.36 18.85
C ASN A 154 10.80 18.05 19.23
N LEU A 155 11.51 18.55 18.23
CA LEU A 155 12.80 19.23 18.45
C LEU A 155 12.68 20.50 19.28
N MET A 156 11.53 21.17 19.19
CA MET A 156 11.33 22.40 19.95
C MET A 156 10.90 22.09 21.38
N ASP A 157 10.75 20.82 21.71
CA ASP A 157 10.33 20.40 23.03
C ASP A 157 11.31 19.60 23.88
N LEU A 158 11.40 20.02 25.15
CA LEU A 158 12.28 19.41 26.14
C LEU A 158 11.61 18.39 27.06
N GLY A 159 10.28 18.46 27.17
CA GLY A 159 9.55 17.56 28.06
C GLY A 159 9.50 16.07 27.78
N HIS A 160 9.66 15.64 26.53
CA HIS A 160 9.60 14.21 26.23
C HIS A 160 10.94 13.51 26.46
N ALA A 161 12.00 14.28 26.69
CA ALA A 161 13.33 13.70 26.90
C ALA A 161 13.36 12.55 27.90
N GLN A 162 12.73 12.77 29.04
CA GLN A 162 12.68 11.80 30.13
C GLN A 162 11.99 10.49 29.77
N TYR A 163 10.94 10.56 28.96
CA TYR A 163 10.17 9.38 28.58
C TYR A 163 10.56 8.73 27.24
N VAL A 164 10.81 9.55 26.22
CA VAL A 164 11.17 9.05 24.89
C VAL A 164 12.65 8.67 24.77
N HIS A 165 13.52 9.53 25.30
CA HIS A 165 14.94 9.29 25.27
C HIS A 165 15.31 8.81 26.66
N ARG A 166 14.28 8.25 27.29
CA ARG A 166 14.27 7.68 28.64
C ARG A 166 15.42 8.02 29.57
N ALA A 167 16.61 7.48 29.32
CA ALA A 167 17.73 7.75 30.21
C ALA A 167 18.86 8.58 29.61
N ASN A 168 19.42 8.10 28.49
CA ASN A 168 20.52 8.80 27.83
C ASN A 168 20.36 10.31 27.85
N ALA A 169 19.13 10.77 27.65
CA ALA A 169 18.83 12.20 27.65
C ALA A 169 18.11 12.60 28.91
N GLN A 170 17.74 11.61 29.72
CA GLN A 170 17.04 11.87 30.98
C GLN A 170 17.91 12.65 31.94
N THR A 171 17.27 13.38 32.83
CA THR A 171 17.96 14.19 33.83
C THR A 171 16.95 14.75 34.81
N ASP A 172 16.86 14.14 35.99
CA ASP A 172 15.93 14.62 37.00
C ASP A 172 16.37 16.02 37.39
N ALA A 173 17.54 16.41 36.88
CA ALA A 173 18.09 17.73 37.14
C ALA A 173 17.65 18.68 36.02
N PHE A 174 16.61 18.27 35.31
CA PHE A 174 16.05 19.06 34.22
C PHE A 174 14.84 19.82 34.76
N ASP A 175 14.05 19.12 35.56
CA ASP A 175 12.86 19.69 36.18
C ASP A 175 12.10 20.63 35.25
N ARG A 176 11.95 21.87 35.70
CA ARG A 176 11.24 22.90 34.95
C ARG A 176 11.65 24.21 35.62
N LEU A 177 12.75 24.79 35.14
CA LEU A 177 13.26 26.02 35.75
C LEU A 177 13.46 27.20 34.79
N GLU A 178 12.35 27.77 34.32
CA GLU A 178 12.41 28.93 33.43
C GLU A 178 13.01 28.68 32.04
N ARG A 179 12.16 28.62 31.03
CA ARG A 179 12.66 28.46 29.67
C ARG A 179 12.30 29.74 28.94
N GLU A 180 13.32 30.48 28.54
CA GLU A 180 13.14 31.75 27.85
C GLU A 180 12.97 31.54 26.35
N VAL A 181 11.86 32.02 25.81
CA VAL A 181 11.61 31.90 24.37
C VAL A 181 11.61 33.27 23.71
N ILE A 182 12.62 33.51 22.87
CA ILE A 182 12.76 34.79 22.18
C ILE A 182 12.33 34.68 20.71
N VAL A 183 11.38 35.52 20.32
CA VAL A 183 10.89 35.51 18.96
C VAL A 183 11.46 36.61 18.10
N GLY A 184 12.09 36.23 16.99
CA GLY A 184 12.67 37.20 16.08
C GLY A 184 11.95 37.20 14.74
N ASP A 185 12.66 37.59 13.69
CA ASP A 185 12.08 37.63 12.35
C ASP A 185 12.62 36.43 11.59
N GLY A 186 11.79 35.39 11.47
CA GLY A 186 12.23 34.19 10.77
C GLY A 186 13.17 33.37 11.62
N GLU A 187 13.30 33.77 12.89
CA GLU A 187 14.16 33.08 13.83
C GLU A 187 13.58 33.10 15.25
N ILE A 188 13.67 31.96 15.92
CA ILE A 188 13.18 31.84 17.29
C ILE A 188 14.20 31.07 18.12
N GLN A 189 14.40 31.52 19.36
CA GLN A 189 15.33 30.84 20.24
C GLN A 189 14.71 30.53 21.58
N ALA A 190 14.96 29.32 22.06
CA ALA A 190 14.45 28.85 23.34
C ALA A 190 15.67 28.62 24.20
N LEU A 191 15.88 29.48 25.19
CA LEU A 191 17.04 29.38 26.05
C LEU A 191 16.74 28.73 27.39
N MET A 192 17.64 27.85 27.82
CA MET A 192 17.46 27.14 29.08
C MET A 192 18.81 26.86 29.73
N LYS A 193 19.02 27.43 30.92
CA LYS A 193 20.26 27.22 31.67
C LYS A 193 19.91 26.46 32.94
N ILE A 194 20.66 25.40 33.22
CA ILE A 194 20.41 24.60 34.39
C ILE A 194 21.60 24.67 35.34
N PRO A 195 21.57 25.64 36.27
CA PRO A 195 22.64 25.87 37.25
C PRO A 195 23.20 24.57 37.85
N GLY A 196 22.32 23.61 38.10
CA GLY A 196 22.78 22.34 38.63
C GLY A 196 23.78 21.73 37.67
N GLY A 197 24.65 20.86 38.17
CA GLY A 197 25.63 20.25 37.29
C GLY A 197 25.43 18.78 36.97
N THR A 198 25.16 18.48 35.70
CA THR A 198 24.96 17.11 35.26
C THR A 198 25.39 16.97 33.80
N PRO A 199 26.70 17.05 33.54
CA PRO A 199 27.27 16.95 32.20
C PRO A 199 27.20 15.52 31.67
N SER A 200 27.03 15.38 30.36
CA SER A 200 26.97 14.06 29.76
C SER A 200 28.27 13.35 30.07
N VAL A 201 28.28 12.03 29.92
CA VAL A 201 29.46 11.24 30.19
C VAL A 201 30.65 11.70 29.34
N LEU A 202 30.36 12.18 28.14
CA LEU A 202 31.43 12.63 27.24
C LEU A 202 32.03 13.98 27.58
N MET A 203 31.20 14.96 27.91
CA MET A 203 31.70 16.29 28.23
C MET A 203 32.34 16.40 29.60
N ALA A 204 31.88 15.59 30.54
CA ALA A 204 32.43 15.61 31.90
C ALA A 204 33.94 15.34 31.84
N LYS A 205 34.32 14.42 30.97
CA LYS A 205 35.72 14.05 30.81
C LYS A 205 36.58 15.22 30.32
N PHE A 206 35.97 16.38 30.15
CA PHE A 206 36.71 17.55 29.70
C PHE A 206 36.66 18.72 30.67
N LEU A 207 35.74 18.67 31.62
CA LEU A 207 35.61 19.74 32.60
C LEU A 207 36.97 20.03 33.25
N ARG A 208 37.68 18.97 33.61
CA ARG A 208 39.00 19.10 34.20
C ARG A 208 39.09 20.28 35.16
N GLY A 209 39.77 21.34 34.70
CA GLY A 209 39.92 22.53 35.52
C GLY A 209 40.71 22.25 36.79
N ALA A 210 39.99 22.05 37.89
CA ALA A 210 40.59 21.78 39.19
C ALA A 210 39.49 21.56 40.22
N ASN A 211 38.52 20.73 39.87
CA ASN A 211 37.39 20.45 40.75
C ASN A 211 36.63 21.74 40.99
N THR A 212 35.53 21.92 40.27
CA THR A 212 34.73 23.14 40.39
C THR A 212 33.27 22.87 40.01
N PRO A 213 32.33 23.50 40.73
CA PRO A 213 30.90 23.31 40.42
C PRO A 213 30.65 23.73 38.98
N VAL A 214 29.55 23.27 38.39
CA VAL A 214 29.27 23.63 37.00
C VAL A 214 27.81 23.86 36.65
N ASP A 215 27.59 24.73 35.67
CA ASP A 215 26.25 25.02 35.19
C ASP A 215 26.13 24.27 33.87
N ALA A 216 24.90 24.18 33.35
CA ALA A 216 24.67 23.49 32.08
C ALA A 216 23.70 24.30 31.25
N TRP A 217 23.70 24.05 29.94
CA TRP A 217 22.81 24.77 29.03
C TRP A 217 22.18 23.84 28.00
N ASN A 218 20.91 24.09 27.71
CA ASN A 218 20.21 23.30 26.71
C ASN A 218 19.38 24.31 25.92
N ASP A 219 19.98 24.86 24.86
CA ASP A 219 19.29 25.85 24.03
C ASP A 219 19.03 25.37 22.62
N ILE A 220 18.13 26.05 21.92
CA ILE A 220 17.83 25.70 20.55
C ILE A 220 17.33 26.90 19.76
N ARG A 221 17.82 27.00 18.53
CA ARG A 221 17.46 28.08 17.61
C ARG A 221 16.68 27.50 16.43
N TRP A 222 15.59 28.17 16.07
CA TRP A 222 14.77 27.77 14.94
C TRP A 222 14.81 28.85 13.86
N ASN A 223 15.01 28.44 12.62
CA ASN A 223 15.00 29.38 11.51
C ASN A 223 13.91 29.01 10.53
N LYS A 224 13.37 30.06 9.91
CA LYS A 224 12.31 30.01 8.93
C LYS A 224 12.08 28.65 8.30
N VAL A 225 10.92 28.12 8.65
CA VAL A 225 10.40 26.85 8.23
C VAL A 225 10.77 25.70 9.16
N SER A 226 11.86 25.00 8.88
CA SER A 226 12.20 23.86 9.73
C SER A 226 13.67 23.48 9.89
N ALA A 227 14.51 24.48 10.17
CA ALA A 227 15.93 24.29 10.35
C ALA A 227 16.31 24.72 11.76
N MET A 228 16.79 23.77 12.57
CA MET A 228 17.15 24.08 13.94
C MET A 228 18.58 23.71 14.30
N LEU A 229 19.12 24.45 15.25
CA LEU A 229 20.47 24.24 15.74
C LEU A 229 20.40 24.37 17.26
N ASN A 230 20.75 23.30 17.98
CA ASN A 230 20.69 23.38 19.42
C ASN A 230 22.06 23.62 20.03
N PHE A 231 22.08 23.80 21.34
CA PHE A 231 23.30 24.07 22.08
C PHE A 231 23.28 23.29 23.39
N ILE A 232 24.07 22.22 23.45
CA ILE A 232 24.16 21.39 24.65
C ILE A 232 25.53 21.70 25.26
N ALA A 233 25.55 22.35 26.41
CA ALA A 233 26.83 22.74 27.01
C ALA A 233 26.92 22.60 28.52
N VAL A 234 28.16 22.66 29.00
CA VAL A 234 28.44 22.57 30.42
C VAL A 234 29.74 23.32 30.71
N ALA A 235 29.85 23.91 31.88
CA ALA A 235 31.05 24.64 32.27
C ALA A 235 31.05 24.92 33.76
N PRO A 236 32.24 25.13 34.34
CA PRO A 236 32.40 25.41 35.78
C PRO A 236 32.14 26.85 36.23
N GLU A 237 32.19 27.03 37.55
CA GLU A 237 31.99 28.31 38.22
C GLU A 237 31.15 29.36 37.52
N GLY A 238 31.71 30.54 37.36
CA GLY A 238 31.04 31.66 36.71
C GLY A 238 30.77 31.36 35.25
N THR A 239 30.21 30.18 35.03
CA THR A 239 29.86 29.68 33.72
C THR A 239 29.53 30.73 32.66
N PRO A 240 30.52 31.10 31.84
CA PRO A 240 30.29 32.10 30.80
C PRO A 240 29.24 31.55 29.82
N LYS A 241 29.69 30.71 28.89
CA LYS A 241 28.80 30.06 27.91
C LYS A 241 29.50 29.70 26.61
N GLU A 242 30.26 30.64 26.06
CA GLU A 242 30.96 30.40 24.80
C GLU A 242 32.32 29.75 25.00
N GLN A 243 32.74 29.62 26.26
CA GLN A 243 34.02 29.00 26.57
C GLN A 243 33.78 27.67 27.28
N SER A 244 32.57 27.14 27.12
CA SER A 244 32.18 25.87 27.75
C SER A 244 32.40 24.67 26.83
N ILE A 245 32.18 23.47 27.37
CA ILE A 245 32.30 22.23 26.62
C ILE A 245 30.92 22.02 26.00
N HIS A 246 30.83 22.05 24.68
CA HIS A 246 29.54 21.89 24.05
C HIS A 246 29.48 21.26 22.67
N SER A 247 28.24 20.98 22.26
CA SER A 247 27.95 20.40 20.96
C SER A 247 26.79 21.20 20.38
N ARG A 248 26.95 21.64 19.14
CA ARG A 248 25.89 22.36 18.45
C ARG A 248 25.25 21.33 17.52
N GLY A 249 23.99 21.02 17.80
CA GLY A 249 23.30 20.03 17.00
C GLY A 249 22.46 20.50 15.84
N THR A 250 22.80 20.01 14.66
CA THR A 250 22.07 20.32 13.45
C THR A 250 20.86 19.38 13.40
N HIS A 251 19.68 19.96 13.29
CA HIS A 251 18.45 19.18 13.21
C HIS A 251 17.58 19.90 12.21
N ILE A 252 17.67 19.48 10.95
CA ILE A 252 16.94 20.11 9.87
C ILE A 252 15.99 19.14 9.20
N LEU A 253 14.75 19.60 9.02
CA LEU A 253 13.71 18.80 8.39
C LEU A 253 13.30 19.37 7.05
N THR A 254 13.01 18.47 6.11
CA THR A 254 12.56 18.87 4.79
C THR A 254 11.42 17.94 4.40
N PRO A 255 10.23 18.51 4.17
CA PRO A 255 9.05 17.74 3.78
C PRO A 255 9.32 16.95 2.51
N GLU A 256 8.82 15.72 2.47
CA GLU A 256 8.96 14.90 1.26
C GLU A 256 7.57 14.91 0.64
N THR A 257 6.60 14.42 1.41
CA THR A 257 5.20 14.45 0.98
C THR A 257 4.49 15.07 2.17
N GLU A 258 3.16 15.13 2.12
CA GLU A 258 2.39 15.69 3.23
C GLU A 258 2.55 14.85 4.50
N ALA A 259 2.82 13.56 4.33
CA ALA A 259 2.94 12.66 5.48
C ALA A 259 4.30 11.99 5.64
N SER A 260 5.34 12.62 5.10
CA SER A 260 6.70 12.07 5.21
C SER A 260 7.71 13.18 5.08
N CYS A 261 8.90 12.99 5.65
CA CYS A 261 9.90 14.02 5.59
C CYS A 261 11.32 13.47 5.68
N HIS A 262 12.28 14.34 5.39
CA HIS A 262 13.70 14.01 5.44
C HIS A 262 14.24 14.65 6.72
N TYR A 263 15.15 13.95 7.39
CA TYR A 263 15.71 14.46 8.62
C TYR A 263 17.23 14.44 8.51
N PHE A 264 17.82 15.64 8.54
CA PHE A 264 19.26 15.78 8.46
C PHE A 264 19.75 16.19 9.84
N PHE A 265 20.55 15.33 10.43
CA PHE A 265 21.06 15.59 11.77
C PHE A 265 22.57 15.54 11.81
N GLY A 266 23.13 16.16 12.84
CA GLY A 266 24.55 16.18 13.00
C GLY A 266 24.95 16.79 14.31
N SER A 267 26.21 16.59 14.67
CA SER A 267 26.76 17.09 15.92
C SER A 267 28.07 17.81 15.62
N SER A 268 28.20 19.05 16.07
CA SER A 268 29.44 19.80 15.87
C SER A 268 30.09 20.01 17.24
N ARG A 269 31.07 19.16 17.56
CA ARG A 269 31.78 19.19 18.83
C ARG A 269 32.81 20.28 19.01
N ASN A 270 33.05 20.61 20.28
CA ASN A 270 34.00 21.62 20.68
C ASN A 270 35.03 20.91 21.56
N PHE A 271 34.84 19.61 21.75
CA PHE A 271 35.69 18.78 22.59
C PHE A 271 36.00 17.42 21.94
N GLY A 272 37.11 16.81 22.38
CA GLY A 272 37.51 15.52 21.85
C GLY A 272 37.53 15.50 20.33
N ILE A 273 37.96 16.61 19.76
CA ILE A 273 38.04 16.76 18.31
C ILE A 273 38.88 15.69 17.62
N ASP A 274 39.88 15.18 18.33
CA ASP A 274 40.75 14.16 17.76
C ASP A 274 40.42 12.75 18.22
N ASP A 275 39.16 12.52 18.54
CA ASP A 275 38.74 11.20 18.98
C ASP A 275 37.82 10.60 17.91
N PRO A 276 38.41 9.94 16.90
CA PRO A 276 37.62 9.32 15.83
C PRO A 276 36.61 8.35 16.40
N GLU A 277 36.97 7.77 17.54
CA GLU A 277 36.11 6.81 18.23
C GLU A 277 34.86 7.52 18.75
N MET A 278 35.05 8.73 19.25
CA MET A 278 33.94 9.52 19.78
C MET A 278 32.98 9.89 18.65
N ASP A 279 33.50 10.00 17.43
CA ASP A 279 32.67 10.33 16.28
C ASP A 279 31.57 9.30 16.09
N GLY A 280 31.94 8.02 16.09
CA GLY A 280 30.97 6.97 15.91
C GLY A 280 29.90 6.93 16.99
N VAL A 281 30.32 7.13 18.23
CA VAL A 281 29.40 7.12 19.36
C VAL A 281 28.35 8.23 19.31
N LEU A 282 28.79 9.44 19.01
CA LEU A 282 27.86 10.57 18.95
C LEU A 282 26.85 10.43 17.82
N ARG A 283 27.33 9.94 16.67
CA ARG A 283 26.43 9.75 15.55
C ARG A 283 25.44 8.63 15.85
N SER A 284 25.91 7.59 16.55
CA SER A 284 25.06 6.46 16.90
C SER A 284 23.98 6.88 17.90
N TRP A 285 24.31 7.76 18.83
CA TRP A 285 23.32 8.20 19.80
C TRP A 285 22.25 9.06 19.13
N GLN A 286 22.64 9.86 18.14
CA GLN A 286 21.67 10.69 17.44
C GLN A 286 20.79 9.80 16.57
N ALA A 287 21.42 8.82 15.91
CA ALA A 287 20.67 7.88 15.08
C ALA A 287 19.64 7.14 15.93
N GLN A 288 20.04 6.77 17.14
CA GLN A 288 19.19 6.07 18.09
C GLN A 288 18.02 6.97 18.52
N ALA A 289 18.33 8.22 18.84
CA ALA A 289 17.32 9.19 19.25
C ALA A 289 16.27 9.38 18.15
N LEU A 290 16.70 9.32 16.90
CA LEU A 290 15.80 9.49 15.77
C LEU A 290 15.03 8.21 15.41
N VAL A 291 15.76 7.23 14.89
CA VAL A 291 15.19 5.97 14.43
C VAL A 291 14.43 5.11 15.44
N LYS A 292 15.04 4.88 16.60
CA LYS A 292 14.43 4.03 17.63
C LYS A 292 13.52 4.75 18.60
N GLU A 293 13.55 6.08 18.58
CA GLU A 293 12.73 6.77 19.55
C GLU A 293 11.78 7.84 19.02
N ASP A 294 12.29 8.97 18.54
CA ASP A 294 11.40 10.01 18.03
C ASP A 294 10.57 9.53 16.84
N LYS A 295 11.17 8.76 15.96
CA LYS A 295 10.47 8.25 14.79
C LYS A 295 9.24 7.43 15.15
N VAL A 296 9.39 6.53 16.12
CA VAL A 296 8.30 5.67 16.55
C VAL A 296 7.12 6.49 17.05
N VAL A 297 7.40 7.53 17.83
CA VAL A 297 6.35 8.38 18.36
C VAL A 297 5.65 9.21 17.28
N VAL A 298 6.41 9.97 16.51
CA VAL A 298 5.80 10.79 15.47
C VAL A 298 5.09 9.98 14.37
N GLU A 299 5.58 8.79 14.04
CA GLU A 299 4.92 8.02 13.01
C GLU A 299 3.56 7.49 13.52
N ALA A 300 3.48 7.21 14.81
CA ALA A 300 2.24 6.72 15.41
C ALA A 300 1.23 7.87 15.45
N ILE A 301 1.72 9.08 15.73
CA ILE A 301 0.85 10.24 15.77
C ILE A 301 0.29 10.51 14.36
N GLU A 302 1.14 10.38 13.35
CA GLU A 302 0.70 10.60 11.98
C GLU A 302 -0.43 9.64 11.64
N ARG A 303 -0.34 8.41 12.14
CA ARG A 303 -1.37 7.41 11.89
C ARG A 303 -2.71 7.74 12.53
N ARG A 304 -2.72 8.72 13.41
CA ARG A 304 -3.95 9.13 14.09
C ARG A 304 -4.54 10.43 13.58
N ARG A 305 -3.88 11.06 12.61
CA ARG A 305 -4.34 12.31 12.04
C ARG A 305 -5.73 12.22 11.43
N ALA A 306 -5.98 11.16 10.67
CA ALA A 306 -7.28 11.00 10.05
C ALA A 306 -8.40 11.06 11.07
N TYR A 307 -8.25 10.32 12.17
CA TYR A 307 -9.28 10.32 13.21
C TYR A 307 -9.41 11.69 13.86
N VAL A 308 -8.30 12.30 14.26
CA VAL A 308 -8.39 13.60 14.91
C VAL A 308 -9.06 14.64 14.00
N GLU A 309 -8.72 14.62 12.72
CA GLU A 309 -9.30 15.57 11.78
C GLU A 309 -10.77 15.24 11.48
N ALA A 310 -11.08 13.97 11.25
CA ALA A 310 -12.45 13.55 10.97
C ALA A 310 -13.33 14.08 12.10
N ASN A 311 -12.82 13.99 13.31
CA ASN A 311 -13.54 14.48 14.47
C ASN A 311 -12.92 15.86 14.64
N GLY A 312 -13.43 16.69 15.54
CA GLY A 312 -12.84 18.01 15.65
C GLY A 312 -11.90 18.13 16.82
N ILE A 313 -10.95 17.19 16.92
CA ILE A 313 -10.02 17.20 18.04
C ILE A 313 -8.83 18.15 17.89
N ARG A 314 -8.62 18.97 18.91
CA ARG A 314 -7.51 19.91 18.93
C ARG A 314 -6.61 19.52 20.10
N PRO A 315 -5.30 19.80 19.99
CA PRO A 315 -4.37 19.46 21.06
C PRO A 315 -4.54 20.33 22.31
N ALA A 316 -4.26 19.73 23.47
CA ALA A 316 -4.36 20.43 24.75
C ALA A 316 -2.94 20.76 25.20
N MET A 317 -2.56 22.02 25.10
CA MET A 317 -1.21 22.46 25.45
C MET A 317 -0.89 22.51 26.94
N LEU A 318 0.38 22.26 27.25
CA LEU A 318 0.89 22.27 28.62
C LEU A 318 1.83 23.45 28.77
N SER A 319 2.38 23.63 29.98
CA SER A 319 3.28 24.76 30.23
C SER A 319 4.55 24.68 29.40
N CYS A 320 5.00 23.47 29.13
CA CYS A 320 6.22 23.27 28.35
C CYS A 320 6.09 23.40 26.83
N ASP A 321 4.91 23.80 26.33
CA ASP A 321 4.70 23.90 24.89
C ASP A 321 4.90 25.29 24.26
N GLU A 322 5.30 26.28 25.06
CA GLU A 322 5.47 27.64 24.54
C GLU A 322 6.30 27.73 23.26
N ALA A 323 7.54 27.26 23.30
CA ALA A 323 8.41 27.33 22.12
C ALA A 323 7.80 26.66 20.89
N ALA A 324 7.36 25.42 21.03
CA ALA A 324 6.77 24.69 19.92
C ALA A 324 5.56 25.42 19.35
N VAL A 325 4.69 25.92 20.23
CA VAL A 325 3.50 26.65 19.79
C VAL A 325 3.85 27.89 18.98
N ARG A 326 4.85 28.66 19.43
CA ARG A 326 5.23 29.86 18.71
C ARG A 326 5.82 29.53 17.33
N VAL A 327 6.65 28.49 17.26
CA VAL A 327 7.23 28.10 15.99
C VAL A 327 6.11 27.66 15.06
N SER A 328 5.18 26.88 15.60
CA SER A 328 4.05 26.39 14.84
C SER A 328 3.23 27.54 14.25
N ARG A 329 3.07 28.60 15.03
CA ARG A 329 2.31 29.75 14.57
C ARG A 329 3.06 30.53 13.49
N GLU A 330 4.39 30.58 13.61
CA GLU A 330 5.19 31.28 12.60
C GLU A 330 5.11 30.53 11.28
N ILE A 331 5.18 29.20 11.34
CA ILE A 331 5.10 28.41 10.12
C ILE A 331 3.74 28.62 9.47
N GLU A 332 2.70 28.70 10.30
CA GLU A 332 1.35 28.90 9.80
C GLU A 332 1.27 30.21 9.04
N LYS A 333 1.79 31.28 9.64
CA LYS A 333 1.79 32.59 9.00
C LYS A 333 2.44 32.52 7.63
N LEU A 334 3.61 31.90 7.57
CA LEU A 334 4.34 31.75 6.32
C LEU A 334 3.49 31.05 5.26
N GLU A 335 2.70 30.07 5.68
CA GLU A 335 1.85 29.34 4.74
C GLU A 335 0.79 30.29 4.21
N GLN A 336 0.17 31.03 5.13
CA GLN A 336 -0.88 31.97 4.76
C GLN A 336 -0.32 33.07 3.86
N LEU A 337 0.81 33.65 4.25
CA LEU A 337 1.42 34.72 3.45
C LEU A 337 1.65 34.25 2.01
N GLU A 338 2.16 33.04 1.86
CA GLU A 338 2.43 32.49 0.55
C GLU A 338 1.14 32.19 -0.20
N ALA A 339 0.17 31.64 0.50
CA ALA A 339 -1.12 31.33 -0.10
C ALA A 339 -1.78 32.62 -0.59
N ALA A 340 -1.56 33.70 0.16
CA ALA A 340 -2.12 34.99 -0.19
C ALA A 340 -1.46 35.51 -1.46
N ARG A 341 -0.15 35.33 -1.55
CA ARG A 341 0.61 35.79 -2.71
C ARG A 341 0.08 35.17 -4.00
N LEU A 342 -0.11 33.85 -4.01
CA LEU A 342 -0.61 33.16 -5.18
C LEU A 342 -1.28 31.84 -4.81
N ALA B 2 -12.78 3.76 -15.49
CA ALA B 2 -11.67 4.52 -16.12
C ALA B 2 -11.74 4.45 -17.63
N THR B 3 -11.02 5.36 -18.29
CA THR B 3 -10.99 5.46 -19.74
C THR B 3 -10.23 4.32 -20.43
N PHE B 4 -10.99 3.37 -20.94
CA PHE B 4 -10.46 2.22 -21.67
C PHE B 4 -11.30 2.15 -22.92
N VAL B 5 -10.75 1.54 -23.98
CA VAL B 5 -11.51 1.37 -25.21
C VAL B 5 -11.99 -0.07 -25.07
N ARG B 6 -13.20 -0.24 -24.58
CA ARG B 6 -13.76 -1.56 -24.35
C ARG B 6 -14.18 -2.34 -25.59
N ASN B 7 -14.60 -1.64 -26.64
CA ASN B 7 -15.03 -2.31 -27.86
C ASN B 7 -13.88 -2.64 -28.81
N ALA B 8 -13.11 -3.66 -28.44
CA ALA B 8 -11.97 -4.09 -29.23
C ALA B 8 -11.48 -5.40 -28.66
N TRP B 9 -10.71 -6.14 -29.44
CA TRP B 9 -10.18 -7.41 -28.98
C TRP B 9 -8.86 -7.21 -28.27
N TYR B 10 -8.71 -7.86 -27.12
CA TYR B 10 -7.49 -7.80 -26.33
C TYR B 10 -7.04 -9.22 -26.00
N VAL B 11 -5.73 -9.41 -25.87
CA VAL B 11 -5.21 -10.71 -25.50
C VAL B 11 -5.36 -10.81 -24.00
N ALA B 12 -6.04 -11.85 -23.52
CA ALA B 12 -6.23 -12.02 -22.09
C ALA B 12 -5.26 -13.05 -21.52
N ALA B 13 -4.66 -13.87 -22.39
CA ALA B 13 -3.72 -14.87 -21.94
C ALA B 13 -3.05 -15.59 -23.09
N LEU B 14 -2.00 -16.33 -22.77
CA LEU B 14 -1.30 -17.15 -23.75
C LEU B 14 -1.92 -18.52 -23.54
N PRO B 15 -2.09 -19.30 -24.62
CA PRO B 15 -2.69 -20.64 -24.51
C PRO B 15 -2.10 -21.50 -23.41
N GLU B 16 -0.77 -21.47 -23.27
CA GLU B 16 -0.10 -22.28 -22.27
C GLU B 16 -0.48 -21.94 -20.83
N GLU B 17 -1.07 -20.77 -20.62
CA GLU B 17 -1.47 -20.38 -19.26
C GLU B 17 -2.80 -20.99 -18.83
N LEU B 18 -3.61 -21.41 -19.80
CA LEU B 18 -4.94 -21.96 -19.51
C LEU B 18 -5.01 -23.49 -19.46
N SER B 19 -5.88 -23.99 -18.59
CA SER B 19 -6.09 -25.42 -18.42
C SER B 19 -7.43 -25.58 -17.73
N GLU B 20 -7.68 -26.75 -17.14
CA GLU B 20 -8.94 -26.99 -16.45
C GLU B 20 -8.98 -26.24 -15.13
N LYS B 21 -7.81 -25.80 -14.65
CA LYS B 21 -7.75 -25.02 -13.43
C LYS B 21 -7.89 -23.58 -13.89
N PRO B 22 -8.99 -22.91 -13.50
CA PRO B 22 -9.26 -21.53 -13.88
C PRO B 22 -8.16 -20.54 -13.55
N LEU B 23 -8.01 -19.54 -14.42
CA LEU B 23 -7.03 -18.49 -14.19
C LEU B 23 -7.83 -17.23 -13.93
N GLY B 24 -7.56 -16.58 -12.80
CA GLY B 24 -8.28 -15.35 -12.50
C GLY B 24 -7.39 -14.21 -12.95
N ARG B 25 -7.89 -13.39 -13.88
CA ARG B 25 -7.12 -12.25 -14.35
C ARG B 25 -8.03 -11.08 -14.64
N THR B 26 -7.57 -9.87 -14.31
CA THR B 26 -8.36 -8.66 -14.56
C THR B 26 -7.97 -7.95 -15.84
N ILE B 27 -8.97 -7.66 -16.66
CA ILE B 27 -8.79 -6.99 -17.95
C ILE B 27 -9.68 -5.76 -17.96
N LEU B 28 -9.09 -4.60 -18.24
CA LEU B 28 -9.84 -3.34 -18.24
C LEU B 28 -10.75 -3.26 -17.00
N ASP B 29 -10.15 -3.49 -15.82
CA ASP B 29 -10.86 -3.44 -14.54
C ASP B 29 -11.98 -4.46 -14.40
N THR B 30 -11.97 -5.47 -15.25
CA THR B 30 -13.00 -6.50 -15.24
C THR B 30 -12.36 -7.82 -14.85
N PRO B 31 -12.76 -8.38 -13.71
CA PRO B 31 -12.20 -9.65 -13.26
C PRO B 31 -12.77 -10.81 -14.07
N LEU B 32 -11.87 -11.61 -14.66
CA LEU B 32 -12.27 -12.73 -15.49
C LEU B 32 -11.81 -14.09 -14.96
N ALA B 33 -12.59 -15.11 -15.28
CA ALA B 33 -12.26 -16.49 -14.92
C ALA B 33 -11.99 -17.15 -16.27
N LEU B 34 -10.72 -17.47 -16.56
CA LEU B 34 -10.35 -18.05 -17.84
C LEU B 34 -9.97 -19.52 -17.69
N TYR B 35 -10.56 -20.38 -18.50
CA TYR B 35 -10.25 -21.80 -18.41
C TYR B 35 -10.56 -22.56 -19.70
N ARG B 36 -9.92 -23.72 -19.85
CA ARG B 36 -10.13 -24.54 -21.02
C ARG B 36 -11.06 -25.70 -20.64
N GLN B 37 -12.17 -25.83 -21.37
CA GLN B 37 -13.13 -26.89 -21.07
C GLN B 37 -12.57 -28.24 -21.51
N PRO B 38 -13.21 -29.34 -21.09
CA PRO B 38 -12.73 -30.67 -21.47
C PRO B 38 -12.66 -30.90 -22.98
N ASP B 39 -13.49 -30.19 -23.74
CA ASP B 39 -13.48 -30.33 -25.19
C ASP B 39 -12.37 -29.50 -25.82
N GLY B 40 -11.57 -28.86 -24.97
CA GLY B 40 -10.45 -28.06 -25.45
C GLY B 40 -10.78 -26.61 -25.76
N VAL B 41 -12.05 -26.25 -25.63
CA VAL B 41 -12.46 -24.89 -25.92
C VAL B 41 -12.29 -23.97 -24.70
N VAL B 42 -11.71 -22.81 -24.94
CA VAL B 42 -11.49 -21.84 -23.88
C VAL B 42 -12.75 -21.04 -23.58
N ALA B 43 -13.01 -20.81 -22.30
CA ALA B 43 -14.18 -20.04 -21.87
C ALA B 43 -13.70 -18.87 -21.03
N ALA B 44 -14.45 -17.77 -21.06
CA ALA B 44 -14.12 -16.57 -20.30
C ALA B 44 -15.38 -16.04 -19.61
N LEU B 45 -15.48 -16.20 -18.30
CA LEU B 45 -16.64 -15.76 -17.52
C LEU B 45 -16.28 -14.63 -16.55
N LEU B 46 -17.27 -13.81 -16.21
CA LEU B 46 -17.04 -12.74 -15.25
C LEU B 46 -16.72 -13.51 -13.98
N ASP B 47 -15.60 -13.17 -13.33
CA ASP B 47 -15.16 -13.85 -12.13
C ASP B 47 -15.93 -13.40 -10.88
N ILE B 48 -17.25 -13.42 -10.99
CA ILE B 48 -18.11 -12.99 -9.88
C ILE B 48 -19.37 -13.86 -9.92
N CYS B 49 -19.52 -14.77 -8.97
CA CYS B 49 -20.69 -15.61 -8.96
C CYS B 49 -21.94 -14.78 -8.74
N PRO B 50 -22.98 -15.02 -9.55
CA PRO B 50 -24.26 -14.32 -9.49
C PRO B 50 -24.97 -14.43 -8.15
N HIS B 51 -24.69 -15.51 -7.42
CA HIS B 51 -25.33 -15.73 -6.11
C HIS B 51 -24.83 -14.73 -5.07
N ARG B 52 -23.61 -14.95 -4.58
CA ARG B 52 -23.05 -14.07 -3.57
C ARG B 52 -21.68 -13.47 -3.91
N PHE B 53 -21.33 -13.48 -5.19
CA PHE B 53 -20.11 -12.86 -5.69
C PHE B 53 -18.76 -13.53 -5.44
N ALA B 54 -18.74 -14.81 -5.07
CA ALA B 54 -17.46 -15.47 -4.84
C ALA B 54 -16.72 -15.58 -6.17
N PRO B 55 -15.39 -15.70 -6.13
CA PRO B 55 -14.61 -15.83 -7.38
C PRO B 55 -14.75 -17.22 -7.95
N LEU B 56 -15.33 -17.32 -9.14
CA LEU B 56 -15.50 -18.62 -9.78
C LEU B 56 -14.13 -19.18 -10.13
N SER B 57 -13.14 -18.30 -10.29
CA SER B 57 -11.79 -18.71 -10.65
C SER B 57 -11.12 -19.54 -9.56
N ASP B 58 -11.71 -19.55 -8.37
CA ASP B 58 -11.17 -20.33 -7.26
C ASP B 58 -11.86 -21.70 -7.21
N GLY B 59 -12.74 -21.96 -8.17
CA GLY B 59 -13.42 -23.25 -8.18
C GLY B 59 -12.73 -24.27 -9.06
N ILE B 60 -13.37 -25.42 -9.24
CA ILE B 60 -12.83 -26.48 -10.07
C ILE B 60 -13.92 -26.92 -11.05
N LEU B 61 -13.51 -27.63 -12.09
CA LEU B 61 -14.44 -28.12 -13.08
C LEU B 61 -15.10 -29.40 -12.57
N VAL B 62 -16.40 -29.49 -12.78
CA VAL B 62 -17.18 -30.65 -12.37
C VAL B 62 -17.97 -31.04 -13.60
N ASN B 63 -17.59 -32.15 -14.22
CA ASN B 63 -18.24 -32.61 -15.43
C ASN B 63 -18.15 -31.56 -16.52
N GLY B 64 -16.98 -30.94 -16.63
CA GLY B 64 -16.78 -29.92 -17.64
C GLY B 64 -17.41 -28.59 -17.30
N HIS B 65 -18.01 -28.49 -16.11
CA HIS B 65 -18.64 -27.25 -15.69
C HIS B 65 -17.90 -26.59 -14.55
N LEU B 66 -17.70 -25.28 -14.64
CA LEU B 66 -17.02 -24.54 -13.58
C LEU B 66 -17.95 -24.45 -12.37
N GLN B 67 -17.52 -24.98 -11.24
CA GLN B 67 -18.32 -24.97 -10.03
C GLN B 67 -17.88 -23.84 -9.07
N CYS B 68 -18.81 -23.02 -8.62
CA CYS B 68 -18.47 -21.97 -7.67
C CYS B 68 -18.04 -22.65 -6.39
N PRO B 69 -16.88 -22.25 -5.83
CA PRO B 69 -16.35 -22.84 -4.61
C PRO B 69 -17.15 -22.52 -3.34
N TYR B 70 -18.07 -21.59 -3.40
CA TYR B 70 -18.84 -21.20 -2.22
C TYR B 70 -20.05 -22.09 -1.96
N HIS B 71 -21.07 -22.03 -2.82
CA HIS B 71 -22.26 -22.86 -2.63
C HIS B 71 -22.55 -23.84 -3.78
N GLY B 72 -21.55 -24.09 -4.61
CA GLY B 72 -21.71 -25.06 -5.68
C GLY B 72 -22.50 -24.85 -6.97
N LEU B 73 -22.88 -23.62 -7.30
CA LEU B 73 -23.59 -23.44 -8.57
C LEU B 73 -22.61 -23.82 -9.68
N GLU B 74 -23.12 -24.43 -10.76
CA GLU B 74 -22.27 -24.85 -11.86
C GLU B 74 -22.64 -24.11 -13.14
N PHE B 75 -21.62 -23.69 -13.88
CA PHE B 75 -21.85 -22.94 -15.10
C PHE B 75 -21.19 -23.54 -16.33
N ASP B 76 -21.78 -23.32 -17.51
CA ASP B 76 -21.17 -23.81 -18.74
C ASP B 76 -20.36 -22.68 -19.34
N GLY B 77 -19.65 -22.95 -20.42
CA GLY B 77 -18.81 -21.95 -21.06
C GLY B 77 -19.53 -20.69 -21.51
N GLY B 78 -20.83 -20.79 -21.68
CA GLY B 78 -21.60 -19.62 -22.10
C GLY B 78 -22.15 -18.86 -20.91
N GLY B 79 -21.78 -19.30 -19.72
CA GLY B 79 -22.25 -18.62 -18.52
C GLY B 79 -23.59 -19.08 -17.99
N GLN B 80 -24.22 -20.02 -18.69
CA GLN B 80 -25.51 -20.53 -18.26
C GLN B 80 -25.34 -21.38 -17.01
N CYS B 81 -26.21 -21.18 -16.02
CA CYS B 81 -26.14 -21.99 -14.81
C CYS B 81 -26.75 -23.33 -15.19
N VAL B 82 -25.96 -24.39 -15.13
CA VAL B 82 -26.43 -25.71 -15.51
C VAL B 82 -26.78 -26.61 -14.33
N HIS B 83 -26.53 -26.13 -13.12
CA HIS B 83 -26.84 -26.94 -11.94
C HIS B 83 -26.89 -26.13 -10.66
N ASN B 84 -28.00 -26.29 -9.94
CA ASN B 84 -28.21 -25.62 -8.67
C ASN B 84 -28.57 -26.73 -7.69
N PRO B 85 -27.63 -27.10 -6.82
CA PRO B 85 -27.81 -28.15 -5.81
C PRO B 85 -28.70 -27.80 -4.63
N HIS B 86 -29.31 -26.63 -4.65
CA HIS B 86 -30.13 -26.20 -3.52
C HIS B 86 -31.65 -26.20 -3.78
N GLY B 87 -32.41 -26.48 -2.73
CA GLY B 87 -33.86 -26.49 -2.85
C GLY B 87 -34.36 -27.42 -3.93
N ASN B 88 -35.31 -26.94 -4.73
CA ASN B 88 -35.87 -27.76 -5.80
C ASN B 88 -34.94 -27.74 -7.01
N GLY B 89 -33.75 -27.17 -6.83
CA GLY B 89 -32.78 -27.12 -7.90
C GLY B 89 -33.18 -26.23 -9.06
N ALA B 90 -34.06 -25.27 -8.80
CA ALA B 90 -34.52 -24.36 -9.85
C ALA B 90 -33.38 -23.47 -10.33
N ARG B 91 -33.38 -23.16 -11.62
CA ARG B 91 -32.33 -22.32 -12.19
C ARG B 91 -32.89 -21.12 -12.95
N PRO B 92 -33.31 -20.08 -12.21
CA PRO B 92 -33.86 -18.88 -12.84
C PRO B 92 -32.76 -18.13 -13.64
N ALA B 93 -33.18 -17.34 -14.61
CA ALA B 93 -32.24 -16.61 -15.45
C ALA B 93 -31.26 -15.75 -14.64
N SER B 94 -31.71 -15.30 -13.47
CA SER B 94 -30.87 -14.48 -12.62
C SER B 94 -29.60 -15.19 -12.16
N LEU B 95 -29.54 -16.50 -12.35
CA LEU B 95 -28.36 -17.25 -11.93
C LEU B 95 -27.27 -17.39 -13.00
N ASN B 96 -27.54 -16.93 -14.21
CA ASN B 96 -26.54 -17.04 -15.26
C ASN B 96 -25.45 -16.00 -15.04
N VAL B 97 -24.22 -16.33 -15.39
CA VAL B 97 -23.12 -15.39 -15.23
C VAL B 97 -22.70 -14.87 -16.59
N ARG B 98 -22.23 -13.62 -16.63
CA ARG B 98 -21.78 -13.01 -17.88
C ARG B 98 -20.61 -13.77 -18.50
N SER B 99 -20.72 -14.02 -19.81
CA SER B 99 -19.69 -14.71 -20.56
C SER B 99 -19.14 -13.74 -21.60
N PHE B 100 -17.84 -13.77 -21.84
CA PHE B 100 -17.23 -12.85 -22.81
C PHE B 100 -16.84 -13.55 -24.10
N PRO B 101 -17.03 -12.87 -25.24
CA PRO B 101 -16.66 -13.48 -26.52
C PRO B 101 -15.16 -13.75 -26.45
N VAL B 102 -14.76 -14.95 -26.86
CA VAL B 102 -13.36 -15.31 -26.81
C VAL B 102 -12.96 -16.09 -28.06
N VAL B 103 -11.78 -15.79 -28.57
CA VAL B 103 -11.28 -16.47 -29.76
C VAL B 103 -9.82 -16.86 -29.58
N GLU B 104 -9.53 -18.15 -29.73
CA GLU B 104 -8.15 -18.59 -29.61
C GLU B 104 -7.62 -18.63 -31.04
N ARG B 105 -6.63 -17.78 -31.32
CA ARG B 105 -6.08 -17.70 -32.67
C ARG B 105 -4.64 -17.21 -32.61
N ASP B 106 -3.80 -17.76 -33.47
CA ASP B 106 -2.38 -17.40 -33.55
C ASP B 106 -1.66 -17.58 -32.23
N ALA B 107 -2.01 -18.66 -31.51
CA ALA B 107 -1.41 -18.95 -30.21
C ALA B 107 -1.61 -17.78 -29.25
N LEU B 108 -2.80 -17.20 -29.30
CA LEU B 108 -3.18 -16.09 -28.43
C LEU B 108 -4.63 -16.27 -28.04
N ILE B 109 -5.00 -15.81 -26.84
CA ILE B 109 -6.36 -15.90 -26.36
C ILE B 109 -6.95 -14.51 -26.41
N TRP B 110 -7.77 -14.24 -27.41
CA TRP B 110 -8.39 -12.93 -27.58
C TRP B 110 -9.76 -12.82 -26.90
N ILE B 111 -10.03 -11.67 -26.29
CA ILE B 111 -11.30 -11.44 -25.60
C ILE B 111 -11.88 -10.07 -25.92
N TRP B 112 -13.21 -10.00 -26.00
CA TRP B 112 -13.92 -8.75 -26.27
C TRP B 112 -14.61 -8.36 -24.98
N PRO B 113 -14.05 -7.39 -24.26
CA PRO B 113 -14.62 -6.93 -22.99
C PRO B 113 -15.76 -5.93 -23.06
N GLY B 114 -16.06 -5.43 -24.24
CA GLY B 114 -17.12 -4.43 -24.35
C GLY B 114 -18.49 -4.96 -24.73
N ASP B 115 -19.22 -4.15 -25.49
CA ASP B 115 -20.55 -4.52 -25.95
C ASP B 115 -20.42 -5.80 -26.77
N PRO B 116 -20.92 -6.93 -26.24
CA PRO B 116 -20.85 -8.21 -26.94
C PRO B 116 -21.56 -8.26 -28.29
N ALA B 117 -22.54 -7.40 -28.50
CA ALA B 117 -23.26 -7.39 -29.77
C ALA B 117 -22.41 -6.79 -30.88
N LEU B 118 -21.36 -6.08 -30.50
CA LEU B 118 -20.48 -5.43 -31.46
C LEU B 118 -19.20 -6.17 -31.73
N ALA B 119 -18.99 -7.23 -30.97
CA ALA B 119 -17.79 -8.01 -31.16
C ALA B 119 -17.71 -8.22 -32.67
N ASP B 120 -16.66 -7.70 -33.29
CA ASP B 120 -16.47 -7.87 -34.73
C ASP B 120 -15.13 -8.56 -34.90
N PRO B 121 -15.15 -9.87 -35.15
CA PRO B 121 -13.92 -10.65 -35.33
C PRO B 121 -13.05 -10.16 -36.47
N GLY B 122 -13.66 -9.45 -37.42
CA GLY B 122 -12.90 -8.93 -38.55
C GLY B 122 -11.76 -8.08 -38.02
N ALA B 123 -11.88 -7.69 -36.77
CA ALA B 123 -10.87 -6.87 -36.16
C ALA B 123 -9.76 -7.64 -35.43
N ILE B 124 -9.78 -8.98 -35.40
CA ILE B 124 -8.67 -9.63 -34.68
C ILE B 124 -7.40 -9.50 -35.52
N PRO B 125 -6.38 -8.85 -34.95
CA PRO B 125 -5.10 -8.65 -35.62
C PRO B 125 -4.47 -9.94 -36.13
N ASP B 126 -3.69 -9.83 -37.20
CA ASP B 126 -3.04 -11.00 -37.78
C ASP B 126 -1.63 -11.23 -37.23
N PHE B 127 -1.49 -12.31 -36.47
CA PHE B 127 -0.20 -12.70 -35.90
C PHE B 127 0.12 -14.13 -36.34
N GLY B 128 -0.22 -14.43 -37.61
CA GLY B 128 0.00 -15.75 -38.16
C GLY B 128 1.40 -16.31 -38.01
N CYS B 129 2.41 -15.46 -38.01
CA CYS B 129 3.79 -15.96 -37.88
C CYS B 129 3.97 -16.81 -36.63
N ARG B 130 3.14 -16.58 -35.62
CA ARG B 130 3.24 -17.32 -34.37
C ARG B 130 2.89 -18.80 -34.49
N VAL B 131 2.18 -19.19 -35.53
CA VAL B 131 1.81 -20.58 -35.72
C VAL B 131 2.27 -21.10 -37.07
N ASP B 132 3.09 -20.29 -37.76
CA ASP B 132 3.63 -20.67 -39.06
C ASP B 132 4.78 -21.64 -38.81
N PRO B 133 4.67 -22.85 -39.35
CA PRO B 133 5.72 -23.87 -39.19
C PRO B 133 7.10 -23.43 -39.69
N ALA B 134 7.15 -22.35 -40.46
CA ALA B 134 8.41 -21.84 -40.98
C ALA B 134 9.12 -20.97 -39.94
N TYR B 135 8.42 -20.68 -38.85
CA TYR B 135 9.01 -19.86 -37.79
C TYR B 135 9.04 -20.59 -36.46
N ARG B 136 9.96 -20.16 -35.59
CA ARG B 136 10.11 -20.74 -34.27
C ARG B 136 9.76 -19.61 -33.29
N THR B 137 8.73 -19.84 -32.48
CA THR B 137 8.29 -18.82 -31.55
C THR B 137 8.52 -19.16 -30.08
N VAL B 138 9.06 -18.19 -29.36
CA VAL B 138 9.31 -18.31 -27.92
C VAL B 138 8.84 -16.99 -27.33
N GLY B 139 8.33 -17.03 -26.10
CA GLY B 139 7.84 -15.80 -25.50
C GLY B 139 7.37 -15.96 -24.06
N GLY B 140 6.70 -14.95 -23.55
CA GLY B 140 6.23 -15.00 -22.18
C GLY B 140 5.29 -13.88 -21.80
N TYR B 141 5.03 -13.78 -20.50
CA TYR B 141 4.12 -12.78 -19.95
C TYR B 141 4.83 -11.89 -18.93
N GLY B 142 4.40 -10.64 -18.86
CA GLY B 142 4.97 -9.71 -17.90
C GLY B 142 3.90 -8.76 -17.40
N HIS B 143 3.94 -8.42 -16.12
CA HIS B 143 2.98 -7.50 -15.53
C HIS B 143 3.74 -6.19 -15.29
N VAL B 144 3.16 -5.07 -15.67
CA VAL B 144 3.81 -3.77 -15.50
C VAL B 144 2.91 -2.73 -14.82
N ASP B 145 3.47 -2.00 -13.84
CA ASP B 145 2.69 -0.99 -13.13
C ASP B 145 2.71 0.37 -13.82
N CYS B 146 2.18 0.40 -15.04
CA CYS B 146 2.11 1.65 -15.78
C CYS B 146 0.88 1.60 -16.66
N ASN B 147 0.35 2.76 -17.00
CA ASN B 147 -0.80 2.82 -17.89
C ASN B 147 -0.28 2.21 -19.19
N TYR B 148 -1.08 1.39 -19.85
CA TYR B 148 -0.64 0.73 -21.07
C TYR B 148 -0.16 1.67 -22.18
N LYS B 149 -0.67 2.89 -22.21
CA LYS B 149 -0.27 3.80 -23.26
C LYS B 149 1.22 4.17 -23.20
N LEU B 150 1.81 4.07 -22.02
CA LEU B 150 3.23 4.40 -21.86
C LEU B 150 4.07 3.33 -22.57
N LEU B 151 3.62 2.08 -22.50
CA LEU B 151 4.36 1.00 -23.16
C LEU B 151 4.09 1.04 -24.65
N VAL B 152 2.92 1.53 -25.05
CA VAL B 152 2.65 1.63 -26.47
C VAL B 152 3.63 2.68 -27.04
N ASP B 153 3.77 3.80 -26.33
CA ASP B 153 4.70 4.85 -26.76
C ASP B 153 6.10 4.24 -26.90
N ASN B 154 6.49 3.46 -25.89
CA ASN B 154 7.81 2.81 -25.84
C ASN B 154 8.07 1.94 -27.06
N LEU B 155 7.15 1.02 -27.34
CA LEU B 155 7.28 0.11 -28.46
C LEU B 155 7.26 0.81 -29.81
N MET B 156 6.54 1.93 -29.91
CA MET B 156 6.47 2.67 -31.17
C MET B 156 7.70 3.55 -31.38
N ASP B 157 8.59 3.57 -30.40
CA ASP B 157 9.82 4.35 -30.49
C ASP B 157 10.94 3.32 -30.40
N LEU B 158 11.16 2.57 -31.46
CA LEU B 158 12.20 1.55 -31.35
C LEU B 158 13.58 2.17 -31.12
N GLY B 159 13.67 3.48 -31.29
CA GLY B 159 14.94 4.16 -31.10
C GLY B 159 15.49 4.10 -29.69
N HIS B 160 14.61 4.08 -28.68
CA HIS B 160 15.07 4.03 -27.29
C HIS B 160 16.05 2.89 -27.03
N ALA B 161 16.04 1.86 -27.88
CA ALA B 161 16.95 0.73 -27.69
C ALA B 161 18.40 1.18 -27.62
N GLN B 162 18.74 2.24 -28.35
CA GLN B 162 20.09 2.79 -28.36
C GLN B 162 20.58 3.15 -26.96
N TYR B 163 19.66 3.54 -26.08
CA TYR B 163 20.02 3.95 -24.73
C TYR B 163 19.53 2.98 -23.65
N VAL B 164 18.23 2.73 -23.63
CA VAL B 164 17.64 1.82 -22.65
C VAL B 164 18.20 0.40 -22.77
N HIS B 165 18.35 -0.09 -23.99
CA HIS B 165 18.89 -1.44 -24.19
C HIS B 165 20.33 -1.31 -24.70
N ARG B 166 21.02 -0.28 -24.23
CA ARG B 166 22.39 0.04 -24.60
C ARG B 166 23.35 -1.14 -24.79
N ALA B 167 23.54 -1.93 -23.73
CA ALA B 167 24.46 -3.06 -23.76
C ALA B 167 24.16 -4.14 -24.80
N ASN B 168 22.98 -4.07 -25.43
CA ASN B 168 22.61 -5.08 -26.42
C ASN B 168 22.17 -4.52 -27.76
N ALA B 169 21.69 -3.28 -27.77
CA ALA B 169 21.20 -2.68 -29.01
C ALA B 169 22.00 -1.50 -29.55
N GLN B 170 22.99 -1.02 -28.80
CA GLN B 170 23.76 0.12 -29.27
C GLN B 170 24.33 -0.12 -30.67
N THR B 171 24.27 0.91 -31.52
CA THR B 171 24.77 0.83 -32.88
C THR B 171 25.53 2.11 -33.24
N ASP B 172 26.65 1.96 -33.94
CA ASP B 172 27.46 3.09 -34.35
C ASP B 172 26.88 3.83 -35.56
N ALA B 173 25.99 3.18 -36.29
CA ALA B 173 25.37 3.79 -37.46
C ALA B 173 24.05 4.47 -37.12
N PHE B 174 23.82 4.71 -35.84
CA PHE B 174 22.59 5.34 -35.37
C PHE B 174 22.26 6.66 -36.07
N ASP B 175 23.21 7.59 -36.12
CA ASP B 175 22.97 8.87 -36.76
C ASP B 175 22.62 8.75 -38.24
N ARG B 176 22.73 7.54 -38.78
CA ARG B 176 22.43 7.31 -40.19
C ARG B 176 21.08 6.61 -40.41
N LEU B 177 20.20 6.67 -39.41
CA LEU B 177 18.89 6.04 -39.50
C LEU B 177 18.01 6.64 -40.58
N GLU B 178 17.13 5.81 -41.14
CA GLU B 178 16.20 6.22 -42.18
C GLU B 178 14.81 5.72 -41.77
N ARG B 179 14.03 6.59 -41.13
CA ARG B 179 12.70 6.20 -40.66
C ARG B 179 11.55 6.83 -41.43
N GLU B 180 10.52 6.03 -41.68
CA GLU B 180 9.34 6.50 -42.39
C GLU B 180 8.10 6.01 -41.64
N VAL B 181 6.96 6.63 -41.89
CA VAL B 181 5.72 6.25 -41.21
C VAL B 181 4.58 6.07 -42.20
N ILE B 182 4.07 4.84 -42.27
CA ILE B 182 2.97 4.51 -43.17
C ILE B 182 1.66 4.43 -42.42
N VAL B 183 0.73 5.31 -42.77
CA VAL B 183 -0.57 5.34 -42.12
C VAL B 183 -1.61 4.65 -42.97
N GLY B 184 -2.56 3.98 -42.32
CA GLY B 184 -3.59 3.29 -43.05
C GLY B 184 -4.87 3.09 -42.27
N ASP B 185 -5.77 2.30 -42.83
CA ASP B 185 -7.05 2.02 -42.20
C ASP B 185 -6.84 1.13 -40.98
N GLY B 186 -6.97 1.71 -39.79
CA GLY B 186 -6.81 0.95 -38.56
C GLY B 186 -5.45 0.32 -38.36
N GLU B 187 -4.43 0.85 -39.04
CA GLU B 187 -3.09 0.32 -38.92
C GLU B 187 -2.03 1.38 -39.21
N ILE B 188 -0.96 1.34 -38.43
CA ILE B 188 0.14 2.28 -38.58
C ILE B 188 1.46 1.54 -38.51
N GLN B 189 2.40 1.96 -39.34
CA GLN B 189 3.72 1.33 -39.34
C GLN B 189 4.85 2.34 -39.29
N ALA B 190 5.85 2.03 -38.48
CA ALA B 190 7.03 2.88 -38.32
C ALA B 190 8.23 2.04 -38.74
N LEU B 191 8.93 2.51 -39.78
CA LEU B 191 10.09 1.80 -40.29
C LEU B 191 11.39 2.49 -39.90
N MET B 192 12.43 1.69 -39.63
CA MET B 192 13.74 2.19 -39.26
C MET B 192 14.81 1.37 -39.97
N LYS B 193 15.76 2.06 -40.60
CA LYS B 193 16.86 1.38 -41.28
C LYS B 193 18.20 1.88 -40.78
N ILE B 194 19.02 0.97 -40.27
CA ILE B 194 20.35 1.30 -39.77
C ILE B 194 21.32 0.79 -40.83
N PRO B 195 21.73 1.67 -41.75
CA PRO B 195 22.65 1.44 -42.88
C PRO B 195 24.05 0.90 -42.56
N GLY B 196 24.54 0.05 -43.46
CA GLY B 196 25.84 -0.57 -43.36
C GLY B 196 26.72 -0.21 -42.18
N GLY B 197 26.38 -0.73 -41.01
CA GLY B 197 27.15 -0.45 -39.83
C GLY B 197 27.58 -1.73 -39.14
N THR B 198 28.31 -1.61 -38.04
CA THR B 198 28.76 -2.77 -37.30
C THR B 198 27.56 -3.41 -36.61
N PRO B 199 27.35 -4.71 -36.81
CA PRO B 199 26.22 -5.40 -36.18
C PRO B 199 26.23 -5.22 -34.66
N SER B 200 25.06 -4.90 -34.10
CA SER B 200 24.92 -4.71 -32.67
C SER B 200 25.23 -6.00 -31.94
N VAL B 201 25.51 -5.90 -30.64
CA VAL B 201 25.81 -7.08 -29.85
C VAL B 201 24.76 -8.17 -30.10
N LEU B 202 23.48 -7.80 -30.02
CA LEU B 202 22.39 -8.74 -30.23
C LEU B 202 22.35 -9.24 -31.68
N MET B 203 22.46 -8.31 -32.61
CA MET B 203 22.43 -8.69 -34.03
C MET B 203 23.63 -9.56 -34.35
N ALA B 204 24.68 -9.44 -33.55
CA ALA B 204 25.90 -10.21 -33.75
C ALA B 204 25.56 -11.66 -33.44
N LYS B 205 24.86 -11.86 -32.33
CA LYS B 205 24.45 -13.19 -31.90
C LYS B 205 23.53 -13.84 -32.93
N PHE B 206 22.63 -13.05 -33.51
CA PHE B 206 21.72 -13.56 -34.53
C PHE B 206 22.55 -14.08 -35.69
N LEU B 207 23.73 -13.48 -35.87
CA LEU B 207 24.64 -13.86 -36.94
C LEU B 207 25.82 -14.67 -36.40
N ARG B 208 25.62 -15.35 -35.27
CA ARG B 208 26.66 -16.15 -34.64
C ARG B 208 28.01 -15.44 -34.65
N GLY B 209 28.08 -14.30 -33.98
CA GLY B 209 29.32 -13.54 -33.92
C GLY B 209 29.93 -13.28 -35.27
N ALA B 210 29.34 -12.35 -36.02
CA ALA B 210 29.84 -12.00 -37.34
C ALA B 210 29.94 -10.49 -37.49
N ASN B 211 31.05 -9.91 -37.01
CA ASN B 211 31.27 -8.48 -37.09
C ASN B 211 31.80 -8.05 -38.46
N THR B 212 30.87 -7.76 -39.37
CA THR B 212 31.21 -7.34 -40.72
C THR B 212 30.11 -6.36 -41.12
N PRO B 213 30.47 -5.31 -41.88
CA PRO B 213 29.48 -4.32 -42.31
C PRO B 213 28.14 -4.98 -42.64
N VAL B 214 27.05 -4.42 -42.12
CA VAL B 214 25.74 -4.99 -42.35
C VAL B 214 24.64 -3.94 -42.26
N ASP B 215 23.46 -4.26 -42.79
CA ASP B 215 22.32 -3.36 -42.75
C ASP B 215 21.31 -3.93 -41.75
N ALA B 216 20.73 -3.06 -40.94
CA ALA B 216 19.77 -3.50 -39.93
C ALA B 216 18.39 -2.87 -40.10
N TRP B 217 17.37 -3.59 -39.65
CA TRP B 217 16.00 -3.13 -39.75
C TRP B 217 15.27 -3.35 -38.43
N ASN B 218 14.48 -2.37 -38.05
CA ASN B 218 13.69 -2.43 -36.83
C ASN B 218 12.35 -1.77 -37.10
N ASP B 219 11.47 -2.47 -37.82
CA ASP B 219 10.15 -1.95 -38.14
C ASP B 219 9.12 -2.41 -37.11
N ILE B 220 7.97 -1.74 -37.09
CA ILE B 220 6.91 -2.12 -36.18
C ILE B 220 5.54 -1.74 -36.72
N ARG B 221 4.59 -2.64 -36.52
CA ARG B 221 3.23 -2.46 -36.98
C ARG B 221 2.31 -2.40 -35.77
N TRP B 222 1.40 -1.44 -35.77
CA TRP B 222 0.42 -1.26 -34.71
C TRP B 222 -0.99 -1.49 -35.24
N ASN B 223 -1.78 -2.27 -34.51
CA ASN B 223 -3.16 -2.50 -34.90
C ASN B 223 -4.09 -2.02 -33.80
N LYS B 224 -5.24 -1.57 -34.25
CA LYS B 224 -6.32 -1.05 -33.41
C LYS B 224 -6.23 -1.40 -31.96
N VAL B 225 -6.01 -0.32 -31.21
CA VAL B 225 -5.87 -0.31 -29.76
C VAL B 225 -4.45 -0.53 -29.28
N SER B 226 -4.06 -1.76 -28.96
CA SER B 226 -2.70 -1.96 -28.46
C SER B 226 -1.99 -3.27 -28.77
N ALA B 227 -2.03 -3.69 -30.04
CA ALA B 227 -1.40 -4.92 -30.49
C ALA B 227 -0.33 -4.58 -31.52
N MET B 228 0.92 -4.91 -31.22
CA MET B 228 2.01 -4.60 -32.14
C MET B 228 2.89 -5.79 -32.48
N LEU B 229 3.44 -5.73 -33.69
CA LEU B 229 4.32 -6.77 -34.20
C LEU B 229 5.51 -6.06 -34.85
N ASN B 230 6.71 -6.29 -34.32
CA ASN B 230 7.87 -5.63 -34.91
C ASN B 230 8.63 -6.54 -35.85
N PHE B 231 9.63 -5.98 -36.51
CA PHE B 231 10.44 -6.69 -37.47
C PHE B 231 11.91 -6.32 -37.26
N ILE B 232 12.68 -7.23 -36.69
CA ILE B 232 14.10 -7.02 -36.43
C ILE B 232 14.88 -7.89 -37.40
N ALA B 233 15.57 -7.24 -38.32
CA ALA B 233 16.36 -7.95 -39.31
C ALA B 233 17.76 -7.38 -39.42
N VAL B 234 18.68 -8.21 -39.90
CA VAL B 234 20.06 -7.81 -40.11
C VAL B 234 20.55 -8.67 -41.27
N ALA B 235 21.15 -8.03 -42.27
CA ALA B 235 21.64 -8.73 -43.44
C ALA B 235 22.81 -8.00 -44.08
N PRO B 236 23.78 -8.76 -44.61
CA PRO B 236 25.00 -8.26 -45.27
C PRO B 236 24.83 -7.17 -46.33
N GLU B 237 25.91 -6.44 -46.55
CA GLU B 237 25.99 -5.36 -47.53
C GLU B 237 24.65 -4.70 -47.84
N GLY B 238 24.25 -4.76 -49.11
CA GLY B 238 22.99 -4.15 -49.50
C GLY B 238 21.92 -5.16 -49.86
N THR B 239 21.98 -6.34 -49.27
CA THR B 239 21.00 -7.38 -49.53
C THR B 239 19.61 -6.89 -49.15
N PRO B 240 18.58 -7.34 -49.88
CA PRO B 240 17.19 -6.95 -49.64
C PRO B 240 16.66 -7.50 -48.31
N LYS B 241 15.88 -6.71 -47.60
CA LYS B 241 15.32 -7.16 -46.33
C LYS B 241 14.10 -8.03 -46.65
N GLU B 242 13.52 -7.79 -47.83
CA GLU B 242 12.35 -8.53 -48.29
C GLU B 242 12.54 -10.03 -48.09
N GLN B 243 13.80 -10.46 -48.04
CA GLN B 243 14.12 -11.86 -47.87
C GLN B 243 15.41 -11.95 -47.07
N SER B 244 15.30 -11.76 -45.77
CA SER B 244 16.48 -11.78 -44.90
C SER B 244 16.27 -12.61 -43.63
N ILE B 245 17.31 -12.62 -42.80
CA ILE B 245 17.32 -13.30 -41.52
C ILE B 245 16.57 -12.37 -40.58
N HIS B 246 15.46 -12.83 -40.01
CA HIS B 246 14.69 -11.95 -39.14
C HIS B 246 13.88 -12.59 -38.02
N SER B 247 13.38 -11.71 -37.16
CA SER B 247 12.54 -12.08 -36.04
C SER B 247 11.35 -11.13 -36.00
N ARG B 248 10.14 -11.69 -35.96
CA ARG B 248 8.94 -10.88 -35.88
C ARG B 248 8.55 -10.89 -34.41
N GLY B 249 8.62 -9.72 -33.79
CA GLY B 249 8.31 -9.63 -32.37
C GLY B 249 6.90 -9.27 -31.97
N THR B 250 6.30 -10.17 -31.19
CA THR B 250 4.94 -9.96 -30.68
C THR B 250 5.07 -9.07 -29.44
N HIS B 251 4.38 -7.94 -29.45
CA HIS B 251 4.41 -7.02 -28.30
C HIS B 251 2.99 -6.51 -28.13
N ILE B 252 2.23 -7.19 -27.29
CA ILE B 252 0.83 -6.86 -27.10
C ILE B 252 0.54 -6.48 -25.66
N LEU B 253 -0.15 -5.36 -25.50
CA LEU B 253 -0.49 -4.87 -24.18
C LEU B 253 -1.99 -4.93 -23.91
N THR B 254 -2.34 -5.25 -22.68
CA THR B 254 -3.74 -5.29 -22.29
C THR B 254 -3.87 -4.61 -20.93
N PRO B 255 -4.62 -3.51 -20.88
CA PRO B 255 -4.82 -2.76 -19.63
C PRO B 255 -5.38 -3.67 -18.55
N GLU B 256 -4.90 -3.50 -17.32
CA GLU B 256 -5.42 -4.28 -16.19
C GLU B 256 -6.27 -3.27 -15.43
N THR B 257 -5.63 -2.20 -14.97
CA THR B 257 -6.33 -1.11 -14.29
C THR B 257 -5.85 0.14 -15.02
N GLU B 258 -6.29 1.30 -14.57
CA GLU B 258 -5.88 2.55 -15.19
C GLU B 258 -4.37 2.74 -15.10
N ALA B 259 -3.76 2.21 -14.05
CA ALA B 259 -2.32 2.37 -13.83
C ALA B 259 -1.50 1.08 -13.90
N SER B 260 -2.03 0.05 -14.54
CA SER B 260 -1.30 -1.21 -14.66
C SER B 260 -1.71 -1.94 -15.93
N CYS B 261 -0.84 -2.82 -16.42
CA CYS B 261 -1.18 -3.54 -17.63
C CYS B 261 -0.48 -4.89 -17.77
N HIS B 262 -0.95 -5.68 -18.74
CA HIS B 262 -0.40 -6.99 -19.03
C HIS B 262 0.45 -6.85 -20.29
N TYR B 263 1.60 -7.50 -20.30
CA TYR B 263 2.49 -7.40 -21.45
C TYR B 263 2.78 -8.81 -21.97
N PHE B 264 2.30 -9.09 -23.17
CA PHE B 264 2.53 -10.39 -23.79
C PHE B 264 3.54 -10.16 -24.89
N PHE B 265 4.71 -10.79 -24.74
CA PHE B 265 5.79 -10.64 -25.71
C PHE B 265 6.23 -11.98 -26.25
N GLY B 266 6.87 -11.93 -27.41
CA GLY B 266 7.36 -13.15 -28.01
C GLY B 266 8.22 -12.85 -29.21
N SER B 267 8.99 -13.85 -29.63
CA SER B 267 9.86 -13.72 -30.78
C SER B 267 9.61 -14.89 -31.72
N SER B 268 9.32 -14.59 -32.98
CA SER B 268 9.09 -15.63 -33.99
C SER B 268 10.26 -15.60 -34.97
N ARG B 269 11.21 -16.51 -34.77
CA ARG B 269 12.43 -16.62 -35.60
C ARG B 269 12.25 -17.23 -36.97
N ASN B 270 13.18 -16.88 -37.85
CA ASN B 270 13.22 -17.35 -39.22
C ASN B 270 14.57 -18.04 -39.39
N PHE B 271 15.34 -18.06 -38.30
CA PHE B 271 16.69 -18.66 -38.29
C PHE B 271 16.96 -19.45 -37.02
N GLY B 272 17.92 -20.37 -37.10
CA GLY B 272 18.26 -21.20 -35.95
C GLY B 272 17.04 -21.84 -35.32
N ILE B 273 16.11 -22.26 -36.16
CA ILE B 273 14.87 -22.90 -35.71
C ILE B 273 15.10 -24.12 -34.85
N ASP B 274 16.19 -24.85 -35.10
CA ASP B 274 16.49 -26.05 -34.33
C ASP B 274 17.62 -25.81 -33.34
N ASP B 275 17.93 -24.54 -33.09
CA ASP B 275 19.01 -24.16 -32.17
C ASP B 275 18.43 -23.67 -30.84
N PRO B 276 18.46 -24.51 -29.81
CA PRO B 276 17.93 -24.15 -28.49
C PRO B 276 18.75 -23.05 -27.81
N GLU B 277 19.98 -22.87 -28.26
CA GLU B 277 20.84 -21.84 -27.69
C GLU B 277 20.37 -20.49 -28.22
N MET B 278 19.80 -20.48 -29.41
CA MET B 278 19.30 -19.24 -29.98
C MET B 278 18.00 -18.91 -29.25
N ASP B 279 17.34 -19.95 -28.73
CA ASP B 279 16.11 -19.76 -27.98
C ASP B 279 16.52 -19.00 -26.72
N GLY B 280 17.59 -19.46 -26.08
CA GLY B 280 18.08 -18.85 -24.87
C GLY B 280 18.49 -17.40 -25.08
N VAL B 281 19.07 -17.12 -26.24
CA VAL B 281 19.49 -15.77 -26.56
C VAL B 281 18.28 -14.85 -26.57
N LEU B 282 17.20 -15.31 -27.21
CA LEU B 282 15.99 -14.51 -27.29
C LEU B 282 15.25 -14.40 -25.95
N ARG B 283 15.15 -15.51 -25.21
CA ARG B 283 14.47 -15.45 -23.92
C ARG B 283 15.23 -14.51 -22.99
N SER B 284 16.56 -14.59 -23.04
CA SER B 284 17.40 -13.73 -22.21
C SER B 284 17.11 -12.28 -22.55
N TRP B 285 17.12 -11.97 -23.84
CA TRP B 285 16.84 -10.61 -24.27
C TRP B 285 15.49 -10.11 -23.77
N GLN B 286 14.47 -10.94 -23.92
CA GLN B 286 13.12 -10.56 -23.49
C GLN B 286 13.08 -10.32 -21.98
N ALA B 287 13.79 -11.15 -21.23
CA ALA B 287 13.83 -10.99 -19.78
C ALA B 287 14.55 -9.71 -19.38
N GLN B 288 15.68 -9.43 -20.05
CA GLN B 288 16.47 -8.25 -19.73
C GLN B 288 15.84 -6.94 -20.22
N ALA B 289 15.64 -6.84 -21.53
CA ALA B 289 15.10 -5.64 -22.15
C ALA B 289 13.65 -5.32 -21.80
N LEU B 290 12.78 -6.29 -21.99
CA LEU B 290 11.36 -6.11 -21.73
C LEU B 290 10.96 -6.05 -20.26
N VAL B 291 10.98 -7.21 -19.62
CA VAL B 291 10.60 -7.35 -18.22
C VAL B 291 11.44 -6.54 -17.24
N LYS B 292 12.57 -6.01 -17.72
CA LYS B 292 13.45 -5.24 -16.85
C LYS B 292 13.67 -3.81 -17.33
N GLU B 293 14.49 -3.67 -18.38
CA GLU B 293 14.82 -2.38 -18.97
C GLU B 293 13.62 -1.48 -19.24
N ASP B 294 12.72 -1.88 -20.13
CA ASP B 294 11.56 -1.05 -20.44
C ASP B 294 10.66 -0.85 -19.23
N LYS B 295 10.51 -1.90 -18.41
CA LYS B 295 9.67 -1.81 -17.22
C LYS B 295 10.15 -0.73 -16.26
N VAL B 296 11.46 -0.71 -16.01
CA VAL B 296 12.06 0.26 -15.10
C VAL B 296 11.75 1.69 -15.55
N VAL B 297 11.87 1.94 -16.84
CA VAL B 297 11.62 3.27 -17.39
C VAL B 297 10.15 3.69 -17.31
N VAL B 298 9.25 2.86 -17.84
CA VAL B 298 7.84 3.23 -17.83
C VAL B 298 7.23 3.27 -16.44
N GLU B 299 7.72 2.43 -15.52
CA GLU B 299 7.18 2.47 -14.18
C GLU B 299 7.59 3.76 -13.47
N ALA B 300 8.80 4.24 -13.77
CA ALA B 300 9.29 5.49 -13.18
C ALA B 300 8.47 6.65 -13.74
N ILE B 301 8.13 6.57 -15.03
CA ILE B 301 7.35 7.63 -15.67
C ILE B 301 5.94 7.67 -15.06
N GLU B 302 5.37 6.50 -14.81
CA GLU B 302 4.03 6.43 -14.23
C GLU B 302 4.04 7.10 -12.85
N ARG B 303 5.14 6.95 -12.11
CA ARG B 303 5.25 7.56 -10.79
C ARG B 303 5.31 9.09 -10.85
N ARG B 304 5.52 9.64 -12.04
CA ARG B 304 5.61 11.09 -12.18
C ARG B 304 4.35 11.72 -12.79
N ARG B 305 3.37 10.90 -13.12
CA ARG B 305 2.12 11.38 -13.71
C ARG B 305 1.38 12.39 -12.83
N ALA B 306 1.28 12.10 -11.54
CA ALA B 306 0.60 12.99 -10.62
C ALA B 306 1.18 14.41 -10.70
N TYR B 307 2.51 14.52 -10.63
CA TYR B 307 3.16 15.83 -10.72
C TYR B 307 2.91 16.51 -12.06
N VAL B 308 3.11 15.80 -13.17
CA VAL B 308 2.90 16.39 -14.49
C VAL B 308 1.47 16.87 -14.67
N GLU B 309 0.50 16.08 -14.21
CA GLU B 309 -0.90 16.47 -14.35
C GLU B 309 -1.25 17.60 -13.39
N ALA B 310 -0.80 17.51 -12.14
CA ALA B 310 -1.08 18.55 -11.14
C ALA B 310 -0.65 19.88 -11.73
N ASN B 311 0.49 19.84 -12.40
CA ASN B 311 1.01 21.03 -13.05
C ASN B 311 0.51 20.84 -14.48
N GLY B 312 0.68 21.83 -15.35
CA GLY B 312 0.18 21.63 -16.70
C GLY B 312 1.25 21.23 -17.67
N ILE B 313 2.04 20.23 -17.32
CA ILE B 313 3.14 19.80 -18.17
C ILE B 313 2.77 18.88 -19.32
N ARG B 314 3.21 19.25 -20.52
CA ARG B 314 2.95 18.46 -21.72
C ARG B 314 4.29 18.00 -22.27
N PRO B 315 4.31 16.84 -22.94
CA PRO B 315 5.57 16.34 -23.50
C PRO B 315 6.06 17.16 -24.68
N ALA B 316 7.38 17.22 -24.84
CA ALA B 316 8.01 17.93 -25.94
C ALA B 316 8.49 16.88 -26.95
N MET B 317 7.81 16.78 -28.08
CA MET B 317 8.13 15.79 -29.09
C MET B 317 9.39 16.05 -29.91
N LEU B 318 10.02 14.97 -30.33
CA LEU B 318 11.23 15.03 -31.14
C LEU B 318 10.92 14.50 -32.54
N SER B 319 11.92 14.50 -33.42
CA SER B 319 11.72 14.03 -34.79
C SER B 319 11.33 12.55 -34.84
N CYS B 320 11.85 11.77 -33.91
CA CYS B 320 11.58 10.34 -33.85
C CYS B 320 10.24 9.93 -33.23
N ASP B 321 9.38 10.90 -32.91
CA ASP B 321 8.10 10.57 -32.27
C ASP B 321 6.88 10.46 -33.18
N GLU B 322 7.07 10.62 -34.49
CA GLU B 322 5.96 10.55 -35.42
C GLU B 322 5.03 9.35 -35.25
N ALA B 323 5.58 8.14 -35.36
CA ALA B 323 4.78 6.92 -35.21
C ALA B 323 4.01 6.87 -33.89
N ALA B 324 4.72 7.05 -32.77
CA ALA B 324 4.08 7.02 -31.45
C ALA B 324 2.96 8.05 -31.33
N VAL B 325 3.21 9.27 -31.82
CA VAL B 325 2.20 10.32 -31.75
C VAL B 325 0.94 9.98 -32.54
N ARG B 326 1.10 9.44 -33.74
CA ARG B 326 -0.05 9.07 -34.54
C ARG B 326 -0.86 7.95 -33.88
N VAL B 327 -0.18 6.96 -33.33
CA VAL B 327 -0.87 5.87 -32.65
C VAL B 327 -1.63 6.43 -31.45
N SER B 328 -0.96 7.30 -30.71
CA SER B 328 -1.54 7.92 -29.53
C SER B 328 -2.83 8.66 -29.89
N ARG B 329 -2.81 9.34 -31.03
CA ARG B 329 -3.98 10.08 -31.48
C ARG B 329 -5.11 9.15 -31.92
N GLU B 330 -4.75 8.02 -32.52
CA GLU B 330 -5.78 7.07 -32.94
C GLU B 330 -6.46 6.47 -31.72
N ILE B 331 -5.68 6.15 -30.69
CA ILE B 331 -6.23 5.59 -29.48
C ILE B 331 -7.17 6.61 -28.85
N GLU B 332 -6.76 7.87 -28.87
CA GLU B 332 -7.56 8.95 -28.30
C GLU B 332 -8.92 9.00 -28.99
N LYS B 333 -8.90 9.02 -30.32
CA LYS B 333 -10.13 9.05 -31.11
C LYS B 333 -11.06 7.92 -30.69
N LEU B 334 -10.51 6.71 -30.59
CA LEU B 334 -11.30 5.55 -30.19
C LEU B 334 -11.96 5.74 -28.84
N GLU B 335 -11.25 6.39 -27.91
CA GLU B 335 -11.81 6.65 -26.59
C GLU B 335 -12.97 7.62 -26.72
N GLN B 336 -12.76 8.68 -27.49
CA GLN B 336 -13.78 9.71 -27.70
C GLN B 336 -15.00 9.11 -28.40
N LEU B 337 -14.77 8.36 -29.47
CA LEU B 337 -15.87 7.74 -30.20
C LEU B 337 -16.73 6.89 -29.28
N GLU B 338 -16.08 6.11 -28.41
CA GLU B 338 -16.79 5.25 -27.49
C GLU B 338 -17.51 6.06 -26.42
N ALA B 339 -16.83 7.11 -25.92
CA ALA B 339 -17.43 7.97 -24.91
C ALA B 339 -18.66 8.64 -25.48
N ALA B 340 -18.61 8.97 -26.77
CA ALA B 340 -19.72 9.62 -27.44
C ALA B 340 -20.90 8.66 -27.55
N ARG B 341 -20.59 7.40 -27.85
CA ARG B 341 -21.61 6.38 -28.00
C ARG B 341 -22.43 6.14 -26.73
N LEU B 342 -21.76 5.76 -25.65
CA LEU B 342 -22.45 5.49 -24.40
C LEU B 342 -21.67 5.97 -23.18
N MET C 1 -17.76 9.22 10.06
CA MET C 1 -17.20 7.91 9.65
C MET C 1 -18.16 7.25 8.67
N ALA C 2 -17.82 6.04 8.24
CA ALA C 2 -18.67 5.31 7.31
C ALA C 2 -19.96 4.87 8.01
N THR C 3 -20.55 3.80 7.53
CA THR C 3 -21.79 3.27 8.08
C THR C 3 -21.60 2.09 9.02
N PHE C 4 -21.64 2.38 10.32
CA PHE C 4 -21.52 1.37 11.36
C PHE C 4 -22.68 1.66 12.30
N VAL C 5 -23.12 0.64 13.03
CA VAL C 5 -24.17 0.84 14.02
C VAL C 5 -23.38 1.01 15.30
N ARG C 6 -23.11 2.27 15.66
CA ARG C 6 -22.33 2.57 16.86
C ARG C 6 -23.02 2.32 18.19
N ASN C 7 -24.34 2.45 18.22
CA ASN C 7 -25.07 2.26 19.47
C ASN C 7 -25.44 0.82 19.73
N ALA C 8 -24.43 0.03 20.11
CA ALA C 8 -24.63 -1.37 20.39
C ALA C 8 -23.36 -1.90 21.03
N TRP C 9 -23.47 -3.03 21.72
CA TRP C 9 -22.32 -3.63 22.37
C TRP C 9 -21.56 -4.51 21.37
N TYR C 10 -20.24 -4.42 21.38
CA TYR C 10 -19.40 -5.23 20.50
C TYR C 10 -18.27 -5.82 21.32
N VAL C 11 -17.81 -7.00 20.93
CA VAL C 11 -16.69 -7.61 21.62
C VAL C 11 -15.43 -6.93 21.07
N ALA C 12 -14.61 -6.41 21.98
CA ALA C 12 -13.37 -5.74 21.57
C ALA C 12 -12.17 -6.64 21.78
N ALA C 13 -12.32 -7.68 22.60
CA ALA C 13 -11.23 -8.59 22.88
C ALA C 13 -11.65 -9.77 23.74
N LEU C 14 -10.78 -10.77 23.79
CA LEU C 14 -11.01 -11.93 24.63
C LEU C 14 -10.21 -11.59 25.89
N PRO C 15 -10.72 -11.99 27.06
CA PRO C 15 -10.04 -11.71 28.33
C PRO C 15 -8.55 -12.04 28.33
N GLU C 16 -8.18 -13.17 27.75
CA GLU C 16 -6.78 -13.59 27.72
C GLU C 16 -5.87 -12.65 26.93
N GLU C 17 -6.45 -11.77 26.12
CA GLU C 17 -5.63 -10.84 25.34
C GLU C 17 -5.21 -9.61 26.14
N LEU C 18 -5.94 -9.32 27.22
CA LEU C 18 -5.67 -8.15 28.03
C LEU C 18 -4.82 -8.40 29.27
N SER C 19 -3.99 -7.42 29.61
CA SER C 19 -3.11 -7.48 30.76
C SER C 19 -2.71 -6.05 31.10
N GLU C 20 -1.65 -5.88 31.89
CA GLU C 20 -1.21 -4.53 32.24
C GLU C 20 -0.53 -3.87 31.05
N LYS C 21 -0.16 -4.65 30.05
CA LYS C 21 0.44 -4.09 28.84
C LYS C 21 -0.75 -3.82 27.93
N PRO C 22 -1.01 -2.55 27.63
CA PRO C 22 -2.12 -2.12 26.78
C PRO C 22 -2.16 -2.79 25.42
N LEU C 23 -3.36 -3.01 24.91
CA LEU C 23 -3.56 -3.59 23.60
C LEU C 23 -4.18 -2.48 22.77
N GLY C 24 -3.56 -2.17 21.64
CA GLY C 24 -4.09 -1.15 20.75
C GLY C 24 -4.91 -1.88 19.70
N ARG C 25 -6.19 -1.55 19.60
CA ARG C 25 -7.07 -2.19 18.62
C ARG C 25 -8.14 -1.21 18.15
N THR C 26 -8.44 -1.23 16.85
CA THR C 26 -9.42 -0.34 16.27
C THR C 26 -10.79 -1.00 16.12
N ILE C 27 -11.82 -0.32 16.61
CA ILE C 27 -13.19 -0.81 16.57
C ILE C 27 -14.06 0.25 15.92
N LEU C 28 -14.76 -0.11 14.86
CA LEU C 28 -15.60 0.86 14.14
C LEU C 28 -14.79 2.13 13.85
N ASP C 29 -13.59 1.95 13.29
CA ASP C 29 -12.71 3.07 12.93
C ASP C 29 -12.29 3.90 14.13
N THR C 30 -12.43 3.36 15.32
CA THR C 30 -12.07 4.09 16.54
C THR C 30 -10.91 3.37 17.20
N PRO C 31 -9.75 4.04 17.31
CA PRO C 31 -8.59 3.41 17.93
C PRO C 31 -8.74 3.35 19.45
N LEU C 32 -8.63 2.16 20.01
CA LEU C 32 -8.77 1.96 21.45
C LEU C 32 -7.52 1.44 22.14
N ALA C 33 -7.38 1.80 23.41
CA ALA C 33 -6.28 1.33 24.24
C ALA C 33 -7.01 0.47 25.28
N LEU C 34 -6.84 -0.85 25.19
CA LEU C 34 -7.49 -1.77 26.12
C LEU C 34 -6.48 -2.38 27.10
N TYR C 35 -6.79 -2.32 28.39
CA TYR C 35 -5.88 -2.89 29.39
C TYR C 35 -6.58 -3.26 30.69
N ARG C 36 -5.95 -4.16 31.44
CA ARG C 36 -6.51 -4.57 32.73
C ARG C 36 -5.76 -3.82 33.82
N GLN C 37 -6.49 -3.14 34.69
CA GLN C 37 -5.87 -2.39 35.79
C GLN C 37 -5.38 -3.35 36.87
N PRO C 38 -4.58 -2.86 37.82
CA PRO C 38 -4.07 -3.73 38.89
C PRO C 38 -5.16 -4.40 39.72
N ASP C 39 -6.34 -3.78 39.80
CA ASP C 39 -7.44 -4.36 40.55
C ASP C 39 -8.19 -5.40 39.72
N GLY C 40 -7.66 -5.68 38.52
CA GLY C 40 -8.27 -6.67 37.65
C GLY C 40 -9.37 -6.15 36.74
N VAL C 41 -9.73 -4.88 36.88
CA VAL C 41 -10.78 -4.30 36.06
C VAL C 41 -10.26 -3.80 34.72
N VAL C 42 -10.94 -4.18 33.66
CA VAL C 42 -10.57 -3.78 32.31
C VAL C 42 -11.00 -2.34 32.00
N ALA C 43 -10.14 -1.60 31.33
CA ALA C 43 -10.45 -0.22 30.96
C ALA C 43 -10.29 -0.09 29.44
N ALA C 44 -11.05 0.83 28.84
CA ALA C 44 -10.98 1.08 27.40
C ALA C 44 -10.97 2.59 27.15
N LEU C 45 -9.81 3.10 26.72
CA LEU C 45 -9.64 4.52 26.46
C LEU C 45 -9.40 4.81 24.98
N LEU C 46 -9.77 6.00 24.54
CA LEU C 46 -9.50 6.40 23.16
C LEU C 46 -7.97 6.40 23.07
N ASP C 47 -7.43 5.70 22.08
CA ASP C 47 -5.97 5.58 21.94
C ASP C 47 -5.34 6.81 21.30
N ILE C 48 -5.64 7.96 21.88
CA ILE C 48 -5.13 9.23 21.37
C ILE C 48 -4.94 10.15 22.55
N CYS C 49 -3.70 10.43 22.91
CA CYS C 49 -3.45 11.31 24.04
C CYS C 49 -4.01 12.70 23.74
N PRO C 50 -4.72 13.30 24.70
CA PRO C 50 -5.33 14.63 24.57
C PRO C 50 -4.30 15.74 24.34
N HIS C 51 -3.06 15.51 24.79
CA HIS C 51 -2.01 16.51 24.64
C HIS C 51 -1.60 16.66 23.18
N ARG C 52 -0.83 15.69 22.69
CA ARG C 52 -0.37 15.74 21.30
C ARG C 52 -0.71 14.52 20.45
N PHE C 53 -1.68 13.74 20.89
CA PHE C 53 -2.19 12.60 20.14
C PHE C 53 -1.35 11.31 20.06
N ALA C 54 -0.37 11.14 20.93
CA ALA C 54 0.41 9.91 20.87
C ALA C 54 -0.47 8.73 21.28
N PRO C 55 -0.12 7.51 20.87
CA PRO C 55 -0.91 6.32 21.22
C PRO C 55 -0.66 5.93 22.67
N LEU C 56 -1.69 6.02 23.51
CA LEU C 56 -1.57 5.65 24.91
C LEU C 56 -1.30 4.14 25.01
N SER C 57 -1.67 3.40 23.99
CA SER C 57 -1.49 1.95 23.97
C SER C 57 -0.01 1.55 23.91
N ASP C 58 0.85 2.52 23.61
CA ASP C 58 2.29 2.26 23.55
C ASP C 58 2.93 2.58 24.89
N GLY C 59 2.11 2.98 25.87
CA GLY C 59 2.65 3.32 27.16
C GLY C 59 2.59 2.15 28.14
N ILE C 60 2.95 2.41 29.38
CA ILE C 60 2.93 1.38 30.42
C ILE C 60 2.15 1.92 31.60
N LEU C 61 1.78 1.01 32.51
CA LEU C 61 1.07 1.41 33.71
C LEU C 61 2.06 1.90 34.75
N VAL C 62 1.69 2.99 35.42
CA VAL C 62 2.50 3.57 36.47
C VAL C 62 1.54 3.75 37.64
N ASN C 63 1.71 2.94 38.67
CA ASN C 63 0.84 3.01 39.85
C ASN C 63 -0.60 2.76 39.44
N GLY C 64 -0.79 1.80 38.54
CA GLY C 64 -2.13 1.48 38.08
C GLY C 64 -2.70 2.46 37.07
N HIS C 65 -1.90 3.46 36.71
CA HIS C 65 -2.36 4.45 35.75
C HIS C 65 -1.62 4.33 34.42
N LEU C 66 -2.36 4.41 33.32
CA LEU C 66 -1.75 4.34 32.00
C LEU C 66 -1.01 5.64 31.75
N GLN C 67 0.29 5.54 31.48
CA GLN C 67 1.12 6.70 31.22
C GLN C 67 1.36 6.89 29.73
N CYS C 68 1.14 8.09 29.22
CA CYS C 68 1.40 8.36 27.83
C CYS C 68 2.92 8.28 27.64
N PRO C 69 3.37 7.54 26.63
CA PRO C 69 4.81 7.37 26.35
C PRO C 69 5.52 8.61 25.81
N TYR C 70 4.78 9.64 25.45
CA TYR C 70 5.38 10.85 24.88
C TYR C 70 5.83 11.85 25.97
N HIS C 71 4.89 12.48 26.67
CA HIS C 71 5.28 13.43 27.71
C HIS C 71 4.84 13.05 29.13
N GLY C 72 4.45 11.79 29.32
CA GLY C 72 4.09 11.34 30.66
C GLY C 72 2.77 11.61 31.36
N LEU C 73 1.76 12.14 30.67
CA LEU C 73 0.48 12.36 31.33
C LEU C 73 -0.05 10.99 31.77
N GLU C 74 -0.67 10.91 32.95
CA GLU C 74 -1.20 9.65 33.45
C GLU C 74 -2.72 9.70 33.54
N PHE C 75 -3.37 8.60 33.19
CA PHE C 75 -4.83 8.54 33.20
C PHE C 75 -5.38 7.36 33.97
N ASP C 76 -6.58 7.52 34.53
CA ASP C 76 -7.19 6.42 35.25
C ASP C 76 -8.14 5.72 34.29
N GLY C 77 -8.72 4.61 34.73
CA GLY C 77 -9.62 3.85 33.88
C GLY C 77 -10.81 4.61 33.33
N GLY C 78 -11.18 5.72 33.97
CA GLY C 78 -12.30 6.51 33.50
C GLY C 78 -11.83 7.60 32.55
N GLY C 79 -10.55 7.61 32.25
CA GLY C 79 -10.02 8.62 31.34
C GLY C 79 -9.60 9.93 31.99
N GLN C 80 -9.78 10.03 33.30
CA GLN C 80 -9.40 11.25 34.00
C GLN C 80 -7.89 11.36 34.09
N CYS C 81 -7.36 12.54 33.80
CA CYS C 81 -5.92 12.73 33.90
C CYS C 81 -5.61 12.85 35.38
N VAL C 82 -4.85 11.90 35.93
CA VAL C 82 -4.53 11.90 37.34
C VAL C 82 -3.14 12.42 37.67
N HIS C 83 -2.36 12.76 36.65
CA HIS C 83 -1.03 13.28 36.87
C HIS C 83 -0.44 13.99 35.67
N ASN C 84 0.04 15.21 35.90
CA ASN C 84 0.68 16.02 34.88
C ASN C 84 2.00 16.46 35.49
N PRO C 85 3.10 15.84 35.03
CA PRO C 85 4.46 16.14 35.50
C PRO C 85 5.06 17.45 35.04
N HIS C 86 4.30 18.26 34.31
CA HIS C 86 4.82 19.51 33.79
C HIS C 86 4.31 20.78 34.47
N GLY C 87 5.18 21.79 34.53
CA GLY C 87 4.83 23.05 35.12
C GLY C 87 4.33 22.91 36.55
N ASN C 88 3.24 23.60 36.87
CA ASN C 88 2.67 23.54 38.22
C ASN C 88 1.87 22.26 38.40
N GLY C 89 1.94 21.38 37.40
CA GLY C 89 1.22 20.12 37.48
C GLY C 89 -0.28 20.25 37.42
N ALA C 90 -0.77 21.36 36.88
CA ALA C 90 -2.21 21.59 36.79
C ALA C 90 -2.86 20.58 35.84
N ARG C 91 -4.09 20.18 36.16
CA ARG C 91 -4.81 19.23 35.34
C ARG C 91 -6.18 19.73 34.90
N PRO C 92 -6.21 20.60 33.87
CA PRO C 92 -7.48 21.14 33.38
C PRO C 92 -8.31 20.03 32.72
N ALA C 93 -9.62 20.21 32.68
CA ALA C 93 -10.52 19.22 32.10
C ALA C 93 -10.13 18.83 30.69
N SER C 94 -9.51 19.76 29.97
CA SER C 94 -9.09 19.50 28.60
C SER C 94 -8.08 18.35 28.49
N LEU C 95 -7.53 17.92 29.61
CA LEU C 95 -6.54 16.82 29.58
C LEU C 95 -7.12 15.43 29.78
N ASN C 96 -8.41 15.33 30.05
CA ASN C 96 -9.01 14.01 30.24
C ASN C 96 -9.18 13.35 28.88
N VAL C 97 -9.07 12.02 28.84
CA VAL C 97 -9.23 11.30 27.59
C VAL C 97 -10.56 10.56 27.61
N ARG C 98 -11.15 10.36 26.44
CA ARG C 98 -12.43 9.66 26.33
C ARG C 98 -12.32 8.20 26.77
N SER C 99 -13.26 7.79 27.61
CA SER C 99 -13.31 6.41 28.12
C SER C 99 -14.59 5.78 27.59
N PHE C 100 -14.51 4.51 27.22
CA PHE C 100 -15.67 3.81 26.67
C PHE C 100 -16.27 2.83 27.67
N PRO C 101 -17.61 2.74 27.70
CA PRO C 101 -18.27 1.81 28.63
C PRO C 101 -17.75 0.41 28.25
N VAL C 102 -17.32 -0.36 29.25
CA VAL C 102 -16.80 -1.69 28.99
C VAL C 102 -17.28 -2.66 30.04
N VAL C 103 -17.65 -3.86 29.60
CA VAL C 103 -18.14 -4.89 30.49
C VAL C 103 -17.49 -6.23 30.17
N GLU C 104 -16.89 -6.86 31.18
CA GLU C 104 -16.30 -8.17 30.99
C GLU C 104 -17.38 -9.16 31.44
N ARG C 105 -17.87 -9.97 30.51
CA ARG C 105 -18.92 -10.93 30.84
C ARG C 105 -18.84 -12.12 29.89
N ASP C 106 -19.13 -13.32 30.42
CA ASP C 106 -19.10 -14.54 29.62
C ASP C 106 -17.77 -14.75 28.91
N ALA C 107 -16.67 -14.43 29.60
CA ALA C 107 -15.34 -14.57 29.03
C ALA C 107 -15.20 -13.80 27.71
N LEU C 108 -15.77 -12.60 27.70
CA LEU C 108 -15.75 -11.71 26.56
C LEU C 108 -15.59 -10.28 27.09
N ILE C 109 -14.96 -9.42 26.30
CA ILE C 109 -14.78 -8.03 26.67
C ILE C 109 -15.69 -7.21 25.76
N TRP C 110 -16.81 -6.73 26.31
CA TRP C 110 -17.78 -5.95 25.55
C TRP C 110 -17.57 -4.43 25.67
N ILE C 111 -17.72 -3.73 24.56
CA ILE C 111 -17.55 -2.28 24.54
C ILE C 111 -18.67 -1.58 23.77
N TRP C 112 -19.03 -0.39 24.23
CA TRP C 112 -20.07 0.43 23.61
C TRP C 112 -19.36 1.62 22.99
N PRO C 113 -19.17 1.60 21.66
CA PRO C 113 -18.49 2.68 20.94
C PRO C 113 -19.33 3.89 20.59
N GLY C 114 -20.62 3.84 20.83
CA GLY C 114 -21.46 4.96 20.48
C GLY C 114 -21.78 5.94 21.60
N ASP C 115 -22.98 6.51 21.54
CA ASP C 115 -23.43 7.46 22.55
C ASP C 115 -23.35 6.79 23.92
N PRO C 116 -22.41 7.22 24.77
CA PRO C 116 -22.25 6.63 26.10
C PRO C 116 -23.47 6.74 27.03
N ALA C 117 -24.31 7.73 26.79
CA ALA C 117 -25.50 7.90 27.63
C ALA C 117 -26.52 6.81 27.35
N LEU C 118 -26.39 6.15 26.20
CA LEU C 118 -27.34 5.12 25.80
C LEU C 118 -26.93 3.66 26.05
N ALA C 119 -25.76 3.43 26.64
CA ALA C 119 -25.29 2.04 26.85
C ALA C 119 -26.28 1.05 27.47
N ASP C 120 -26.09 0.72 28.75
CA ASP C 120 -26.94 -0.23 29.48
C ASP C 120 -26.49 -1.69 29.33
N PRO C 121 -25.69 -2.17 30.28
CA PRO C 121 -25.15 -3.54 30.31
C PRO C 121 -26.20 -4.65 30.21
N GLY C 122 -27.46 -4.32 30.45
CA GLY C 122 -28.51 -5.32 30.36
C GLY C 122 -28.83 -5.77 28.93
N ALA C 123 -28.36 -5.03 27.93
CA ALA C 123 -28.63 -5.38 26.53
C ALA C 123 -27.55 -6.26 25.88
N ILE C 124 -26.52 -6.60 26.66
CA ILE C 124 -25.43 -7.43 26.19
C ILE C 124 -25.90 -8.87 25.95
N PRO C 125 -25.58 -9.45 24.78
CA PRO C 125 -25.98 -10.81 24.44
C PRO C 125 -25.59 -11.83 25.51
N ASP C 126 -26.36 -12.91 25.59
CA ASP C 126 -26.09 -13.94 26.57
C ASP C 126 -25.23 -15.07 26.01
N PHE C 127 -24.01 -15.19 26.54
CA PHE C 127 -23.09 -16.24 26.13
C PHE C 127 -22.63 -16.98 27.38
N GLY C 128 -23.58 -17.21 28.28
CA GLY C 128 -23.29 -17.87 29.54
C GLY C 128 -22.57 -19.20 29.46
N CYS C 129 -22.82 -19.97 28.42
CA CYS C 129 -22.16 -21.26 28.27
C CYS C 129 -20.64 -21.16 28.34
N ARG C 130 -20.09 -19.98 28.03
CA ARG C 130 -18.65 -19.78 28.05
C ARG C 130 -18.03 -19.81 29.44
N VAL C 131 -18.84 -19.60 30.48
CA VAL C 131 -18.32 -19.62 31.84
C VAL C 131 -19.08 -20.64 32.68
N ASP C 132 -19.89 -21.46 32.02
CA ASP C 132 -20.66 -22.49 32.71
C ASP C 132 -19.72 -23.65 32.98
N PRO C 133 -19.52 -23.99 34.27
CA PRO C 133 -18.64 -25.09 34.67
C PRO C 133 -18.99 -26.45 34.05
N ALA C 134 -20.18 -26.54 33.47
CA ALA C 134 -20.62 -27.77 32.83
C ALA C 134 -20.09 -27.87 31.40
N TYR C 135 -19.49 -26.79 30.92
CA TYR C 135 -18.94 -26.76 29.57
C TYR C 135 -17.44 -26.48 29.58
N ARG C 136 -16.77 -26.90 28.51
CA ARG C 136 -15.34 -26.67 28.34
C ARG C 136 -15.21 -25.77 27.12
N THR C 137 -14.62 -24.60 27.31
CA THR C 137 -14.48 -23.66 26.21
C THR C 137 -13.05 -23.39 25.76
N VAL C 138 -12.86 -23.45 24.45
CA VAL C 138 -11.56 -23.18 23.84
C VAL C 138 -11.87 -22.28 22.64
N GLY C 139 -10.96 -21.38 22.32
CA GLY C 139 -11.20 -20.49 21.21
C GLY C 139 -10.04 -19.58 20.87
N GLY C 140 -10.31 -18.56 20.06
CA GLY C 140 -9.25 -17.64 19.67
C GLY C 140 -9.72 -16.43 18.91
N TYR C 141 -8.76 -15.71 18.35
CA TYR C 141 -9.01 -14.49 17.60
C TYR C 141 -8.49 -14.57 16.18
N GLY C 142 -9.17 -13.89 15.27
CA GLY C 142 -8.75 -13.87 13.89
C GLY C 142 -9.08 -12.53 13.29
N HIS C 143 -8.20 -12.04 12.42
CA HIS C 143 -8.40 -10.78 11.73
C HIS C 143 -8.76 -11.13 10.29
N VAL C 144 -9.76 -10.48 9.72
CA VAL C 144 -10.18 -10.77 8.34
C VAL C 144 -10.36 -9.51 7.52
N ASP C 145 -9.83 -9.52 6.30
CA ASP C 145 -9.94 -8.36 5.41
C ASP C 145 -11.21 -8.32 4.59
N CYS C 146 -12.36 -8.30 5.27
CA CYS C 146 -13.65 -8.22 4.59
C CYS C 146 -14.58 -7.43 5.46
N ASN C 147 -15.59 -6.82 4.84
CA ASN C 147 -16.58 -6.09 5.60
C ASN C 147 -17.23 -7.15 6.47
N TYR C 148 -17.49 -6.83 7.74
CA TYR C 148 -18.06 -7.80 8.65
C TYR C 148 -19.38 -8.44 8.20
N LYS C 149 -20.15 -7.75 7.39
CA LYS C 149 -21.42 -8.31 6.96
C LYS C 149 -21.26 -9.56 6.08
N LEU C 150 -20.12 -9.68 5.41
CA LEU C 150 -19.86 -10.85 4.58
C LEU C 150 -19.70 -12.08 5.46
N LEU C 151 -19.08 -11.90 6.62
CA LEU C 151 -18.89 -13.02 7.54
C LEU C 151 -20.18 -13.34 8.27
N VAL C 152 -21.02 -12.32 8.48
CA VAL C 152 -22.30 -12.57 9.13
C VAL C 152 -23.08 -13.47 8.18
N ASP C 153 -23.10 -13.10 6.89
CA ASP C 153 -23.77 -13.88 5.86
C ASP C 153 -23.30 -15.32 5.93
N ASN C 154 -21.97 -15.48 5.97
CA ASN C 154 -21.33 -16.78 6.02
C ASN C 154 -21.80 -17.65 7.19
N LEU C 155 -21.73 -17.09 8.39
CA LEU C 155 -22.13 -17.82 9.59
C LEU C 155 -23.63 -18.14 9.63
N MET C 156 -24.44 -17.30 8.99
CA MET C 156 -25.89 -17.52 8.95
C MET C 156 -26.27 -18.53 7.88
N ASP C 157 -25.28 -19.02 7.14
CA ASP C 157 -25.53 -19.98 6.07
C ASP C 157 -24.89 -21.36 6.21
N LEU C 158 -25.70 -22.40 6.01
CA LEU C 158 -25.26 -23.79 6.10
C LEU C 158 -24.83 -24.39 4.77
N GLY C 159 -25.31 -23.81 3.67
CA GLY C 159 -24.99 -24.30 2.35
C GLY C 159 -23.54 -24.56 1.97
N HIS C 160 -22.65 -23.62 2.26
CA HIS C 160 -21.25 -23.79 1.87
C HIS C 160 -20.56 -24.96 2.54
N ALA C 161 -21.07 -25.38 3.70
CA ALA C 161 -20.48 -26.48 4.44
C ALA C 161 -20.02 -27.58 3.49
N GLN C 162 -20.90 -27.93 2.55
CA GLN C 162 -20.66 -28.96 1.56
C GLN C 162 -19.49 -28.68 0.62
N TYR C 163 -19.17 -27.41 0.41
CA TYR C 163 -18.09 -27.07 -0.51
C TYR C 163 -16.88 -26.38 0.11
N VAL C 164 -17.11 -25.27 0.79
CA VAL C 164 -16.04 -24.53 1.44
C VAL C 164 -15.26 -25.42 2.41
N HIS C 165 -15.99 -26.19 3.20
CA HIS C 165 -15.39 -27.09 4.17
C HIS C 165 -15.46 -28.50 3.63
N ARG C 166 -15.40 -28.59 2.31
CA ARG C 166 -15.44 -29.87 1.58
C ARG C 166 -14.89 -31.01 2.43
N ALA C 167 -13.56 -31.03 2.57
CA ALA C 167 -12.86 -32.06 3.33
C ALA C 167 -13.45 -32.36 4.70
N ASN C 168 -13.93 -31.33 5.39
CA ASN C 168 -14.51 -31.52 6.71
C ASN C 168 -15.97 -31.96 6.68
N ALA C 169 -16.87 -31.00 6.84
CA ALA C 169 -18.31 -31.27 6.87
C ALA C 169 -18.97 -31.34 5.49
N GLN C 170 -18.93 -32.52 4.87
CA GLN C 170 -19.55 -32.71 3.56
C GLN C 170 -20.50 -33.90 3.66
N THR C 171 -21.73 -33.62 4.11
CA THR C 171 -22.74 -34.65 4.28
C THR C 171 -23.36 -35.11 2.96
N ASP C 172 -23.23 -36.39 2.66
CA ASP C 172 -23.80 -36.94 1.43
C ASP C 172 -25.32 -36.97 1.55
N ALA C 173 -25.80 -36.59 2.74
CA ALA C 173 -27.24 -36.57 3.01
C ALA C 173 -27.66 -35.14 3.29
N PHE C 174 -27.05 -34.19 2.58
CA PHE C 174 -27.36 -32.78 2.76
C PHE C 174 -28.49 -32.36 1.83
N ASP C 175 -28.94 -33.28 0.98
CA ASP C 175 -30.01 -32.99 0.05
C ASP C 175 -31.38 -33.08 0.72
N ARG C 176 -31.40 -33.56 1.96
CA ARG C 176 -32.64 -33.69 2.72
C ARG C 176 -32.66 -32.76 3.93
N LEU C 177 -32.26 -31.52 3.71
CA LEU C 177 -32.23 -30.54 4.80
C LEU C 177 -33.61 -30.01 5.12
N GLU C 178 -33.72 -29.33 6.26
CA GLU C 178 -34.95 -28.73 6.72
C GLU C 178 -34.49 -27.61 7.65
N ARG C 179 -35.00 -26.39 7.46
CA ARG C 179 -34.57 -25.30 8.33
C ARG C 179 -35.63 -24.29 8.71
N GLU C 180 -35.89 -24.20 10.01
CA GLU C 180 -36.88 -23.26 10.54
C GLU C 180 -36.20 -21.95 10.89
N VAL C 181 -36.85 -20.84 10.56
CA VAL C 181 -36.31 -19.52 10.84
C VAL C 181 -37.22 -18.72 11.76
N ILE C 182 -36.72 -18.42 12.95
CA ILE C 182 -37.47 -17.68 13.94
C ILE C 182 -37.01 -16.23 14.04
N VAL C 183 -37.96 -15.30 13.93
CA VAL C 183 -37.63 -13.89 14.02
C VAL C 183 -38.14 -13.29 15.31
N GLY C 184 -37.29 -12.49 15.97
CA GLY C 184 -37.66 -11.86 17.21
C GLY C 184 -37.13 -10.43 17.23
N ASP C 185 -37.22 -9.77 18.39
CA ASP C 185 -36.74 -8.41 18.49
C ASP C 185 -35.21 -8.45 18.59
N GLY C 186 -34.54 -7.97 17.55
CA GLY C 186 -33.09 -7.96 17.57
C GLY C 186 -32.53 -9.36 17.71
N GLU C 187 -33.30 -10.36 17.30
CA GLU C 187 -32.84 -11.73 17.38
C GLU C 187 -33.46 -12.62 16.32
N ILE C 188 -32.60 -13.43 15.70
CA ILE C 188 -33.03 -14.36 14.66
C ILE C 188 -32.37 -15.71 14.88
N GLN C 189 -33.13 -16.78 14.68
CA GLN C 189 -32.59 -18.11 14.85
C GLN C 189 -32.94 -19.03 13.68
N ALA C 190 -31.96 -19.83 13.28
CA ALA C 190 -32.13 -20.78 12.20
C ALA C 190 -31.91 -22.13 12.87
N LEU C 191 -32.97 -22.94 12.93
CA LEU C 191 -32.91 -24.24 13.57
C LEU C 191 -33.04 -25.39 12.58
N MET C 192 -32.28 -26.45 12.79
CA MET C 192 -32.34 -27.60 11.91
C MET C 192 -32.09 -28.95 12.56
N LYS C 193 -32.96 -29.91 12.23
CA LYS C 193 -32.87 -31.27 12.75
C LYS C 193 -32.37 -32.12 11.59
N ILE C 194 -31.42 -33.01 11.86
CA ILE C 194 -30.87 -33.86 10.82
C ILE C 194 -30.87 -35.34 11.21
N PRO C 195 -31.85 -36.10 10.72
CA PRO C 195 -32.02 -37.52 11.00
C PRO C 195 -31.57 -38.43 9.83
N GLY C 196 -30.29 -38.46 9.52
CA GLY C 196 -29.85 -39.32 8.43
C GLY C 196 -28.41 -39.19 7.96
N GLY C 197 -27.83 -40.31 7.54
CA GLY C 197 -26.46 -40.32 7.05
C GLY C 197 -25.41 -40.38 8.14
N THR C 198 -24.68 -41.48 8.21
CA THR C 198 -23.64 -41.63 9.23
C THR C 198 -22.55 -40.61 8.88
N PRO C 199 -22.35 -39.60 9.75
CA PRO C 199 -21.39 -38.51 9.65
C PRO C 199 -20.38 -38.55 8.50
N SER C 200 -19.14 -38.14 8.76
CA SER C 200 -18.11 -38.14 7.72
C SER C 200 -16.72 -37.85 8.25
N VAL C 201 -16.55 -36.67 8.86
CA VAL C 201 -15.26 -36.26 9.41
C VAL C 201 -15.43 -35.50 10.72
N LEU C 202 -16.07 -34.33 10.63
CA LEU C 202 -16.31 -33.49 11.79
C LEU C 202 -17.02 -34.22 12.93
N MET C 203 -18.32 -34.43 12.79
CA MET C 203 -19.10 -35.10 13.82
C MET C 203 -18.47 -36.42 14.24
N ALA C 204 -17.85 -37.11 13.30
CA ALA C 204 -17.22 -38.38 13.58
C ALA C 204 -16.32 -38.25 14.82
N LYS C 205 -15.28 -37.44 14.68
CA LYS C 205 -14.32 -37.20 15.75
C LYS C 205 -15.01 -36.74 17.04
N PHE C 206 -16.17 -36.10 16.91
CA PHE C 206 -16.92 -35.64 18.08
C PHE C 206 -17.62 -36.85 18.67
N LEU C 207 -18.10 -37.72 17.78
CA LEU C 207 -18.82 -38.93 18.15
C LEU C 207 -17.96 -40.13 18.50
N ARG C 208 -18.60 -41.30 18.46
CA ARG C 208 -17.97 -42.59 18.74
C ARG C 208 -18.54 -43.63 17.77
N GLY C 209 -19.86 -43.77 17.75
CA GLY C 209 -20.49 -44.73 16.87
C GLY C 209 -21.98 -44.92 17.10
N ALA C 210 -22.79 -44.65 16.08
CA ALA C 210 -24.24 -44.80 16.17
C ALA C 210 -24.89 -44.70 14.80
N ASN C 211 -26.16 -45.11 14.72
CA ASN C 211 -26.91 -45.06 13.47
C ASN C 211 -28.42 -45.19 13.69
N THR C 212 -29.17 -44.30 13.05
CA THR C 212 -30.64 -44.27 13.14
C THR C 212 -31.18 -43.00 12.48
N PRO C 213 -32.36 -43.10 11.84
CA PRO C 213 -32.97 -41.94 11.16
C PRO C 213 -33.46 -40.84 12.10
N VAL C 214 -32.54 -40.26 12.86
CA VAL C 214 -32.83 -39.18 13.81
C VAL C 214 -31.69 -38.97 14.81
N ASP C 215 -30.80 -38.03 14.52
CA ASP C 215 -29.67 -37.77 15.40
C ASP C 215 -29.22 -36.31 15.43
N ALA C 216 -28.45 -35.92 14.43
CA ALA C 216 -27.89 -34.58 14.29
C ALA C 216 -28.79 -33.38 14.58
N TRP C 217 -28.15 -32.23 14.76
CA TRP C 217 -28.80 -30.95 15.03
C TRP C 217 -27.82 -29.84 14.69
N ASN C 218 -28.27 -28.85 13.92
CA ASN C 218 -27.41 -27.73 13.55
C ASN C 218 -28.23 -26.44 13.65
N ASP C 219 -27.87 -25.55 14.59
CA ASP C 219 -28.61 -24.30 14.74
C ASP C 219 -27.72 -23.10 15.00
N ILE C 220 -28.28 -21.91 14.81
CA ILE C 220 -27.53 -20.69 15.07
C ILE C 220 -28.47 -19.55 15.46
N ARG C 221 -28.02 -18.76 16.42
CA ARG C 221 -28.75 -17.62 16.93
C ARG C 221 -27.96 -16.35 16.64
N TRP C 222 -28.65 -15.33 16.16
CA TRP C 222 -28.03 -14.03 15.87
C TRP C 222 -28.66 -12.97 16.76
N ASN C 223 -27.80 -12.13 17.35
CA ASN C 223 -28.27 -11.04 18.18
C ASN C 223 -27.80 -9.71 17.60
N LYS C 224 -28.65 -8.71 17.80
CA LYS C 224 -28.44 -7.35 17.36
C LYS C 224 -27.03 -7.01 16.98
N VAL C 225 -26.90 -6.74 15.69
CA VAL C 225 -25.67 -6.37 15.00
C VAL C 225 -24.89 -7.56 14.48
N SER C 226 -23.92 -8.07 15.25
CA SER C 226 -23.12 -9.18 14.72
C SER C 226 -22.55 -10.17 15.73
N ALA C 227 -23.40 -10.66 16.64
CA ALA C 227 -23.00 -11.61 17.66
C ALA C 227 -23.81 -12.89 17.48
N MET C 228 -23.14 -13.99 17.19
CA MET C 228 -23.84 -15.25 16.96
C MET C 228 -23.36 -16.40 17.82
N LEU C 229 -24.28 -17.31 18.11
CA LEU C 229 -24.00 -18.49 18.91
C LEU C 229 -24.66 -19.66 18.21
N ASN C 230 -23.88 -20.66 17.80
CA ASN C 230 -24.48 -21.78 17.11
C ASN C 230 -24.62 -22.97 18.04
N PHE C 231 -25.27 -24.02 17.52
CA PHE C 231 -25.51 -25.23 18.28
C PHE C 231 -25.26 -26.44 17.38
N ILE C 232 -24.17 -27.16 17.65
CA ILE C 232 -23.78 -28.34 16.89
C ILE C 232 -23.96 -29.55 17.81
N ALA C 233 -24.86 -30.47 17.47
CA ALA C 233 -25.08 -31.62 18.34
C ALA C 233 -25.27 -32.97 17.66
N VAL C 234 -25.37 -34.01 18.48
CA VAL C 234 -25.57 -35.38 18.02
C VAL C 234 -25.87 -36.27 19.22
N ALA C 235 -26.83 -37.19 19.05
CA ALA C 235 -27.21 -38.08 20.14
C ALA C 235 -27.88 -39.36 19.65
N PRO C 236 -28.10 -40.31 20.56
CA PRO C 236 -28.73 -41.62 20.27
C PRO C 236 -30.24 -41.58 20.09
N GLU C 237 -30.94 -42.27 21.00
CA GLU C 237 -32.39 -42.39 20.99
C GLU C 237 -33.21 -41.17 20.62
N GLY C 238 -34.53 -41.38 20.51
CA GLY C 238 -35.45 -40.31 20.17
C GLY C 238 -35.45 -39.24 21.25
N THR C 239 -34.38 -39.20 22.02
CA THR C 239 -34.22 -38.22 23.08
C THR C 239 -34.18 -36.84 22.45
N PRO C 240 -34.74 -35.84 23.14
CA PRO C 240 -34.78 -34.48 22.62
C PRO C 240 -33.37 -33.97 22.34
N LYS C 241 -33.27 -32.84 21.63
CA LYS C 241 -31.96 -32.28 21.32
C LYS C 241 -31.25 -32.05 22.64
N GLU C 242 -32.01 -32.17 23.72
CA GLU C 242 -31.47 -32.01 25.05
C GLU C 242 -30.80 -33.33 25.44
N GLN C 243 -30.07 -33.34 26.55
CA GLN C 243 -29.38 -34.55 26.99
C GLN C 243 -28.43 -35.04 25.89
N SER C 244 -28.37 -34.29 24.80
CA SER C 244 -27.52 -34.64 23.68
C SER C 244 -26.07 -34.21 23.89
N ILE C 245 -25.22 -34.63 22.95
CA ILE C 245 -23.81 -34.31 22.95
C ILE C 245 -23.68 -33.10 22.02
N HIS C 246 -23.20 -31.98 22.55
CA HIS C 246 -23.11 -30.79 21.70
C HIS C 246 -22.02 -29.76 22.03
N SER C 247 -21.87 -28.83 21.10
CA SER C 247 -20.93 -27.74 21.23
C SER C 247 -21.65 -26.45 20.83
N ARG C 248 -21.59 -25.44 21.70
CA ARG C 248 -22.21 -24.16 21.42
C ARG C 248 -21.08 -23.28 20.91
N GLY C 249 -21.16 -22.87 19.66
CA GLY C 249 -20.12 -22.08 19.06
C GLY C 249 -20.29 -20.58 19.08
N THR C 250 -19.30 -19.91 19.66
CA THR C 250 -19.28 -18.47 19.75
C THR C 250 -18.68 -17.97 18.44
N HIS C 251 -19.43 -17.12 17.73
CA HIS C 251 -18.96 -16.56 16.48
C HIS C 251 -19.39 -15.11 16.49
N ILE C 252 -18.51 -14.23 16.95
CA ILE C 252 -18.82 -12.82 17.06
C ILE C 252 -17.88 -11.96 16.23
N LEU C 253 -18.47 -11.03 15.49
CA LEU C 253 -17.71 -10.16 14.63
C LEU C 253 -17.82 -8.71 15.07
N THR C 254 -16.71 -7.99 14.93
CA THR C 254 -16.67 -6.57 15.29
C THR C 254 -15.93 -5.85 14.17
N PRO C 255 -16.61 -4.91 13.51
CA PRO C 255 -16.00 -4.14 12.42
C PRO C 255 -14.75 -3.42 12.92
N GLU C 256 -13.73 -3.36 12.07
CA GLU C 256 -12.51 -2.64 12.42
C GLU C 256 -12.57 -1.40 11.53
N THR C 257 -12.63 -1.63 10.22
CA THR C 257 -12.77 -0.54 9.25
C THR C 257 -13.94 -0.97 8.40
N GLU C 258 -14.26 -0.19 7.37
CA GLU C 258 -15.36 -0.54 6.47
C GLU C 258 -15.05 -1.85 5.73
N ALA C 259 -13.76 -2.14 5.52
CA ALA C 259 -13.37 -3.34 4.78
C ALA C 259 -12.57 -4.38 5.57
N SER C 260 -12.65 -4.33 6.89
CA SER C 260 -11.94 -5.29 7.73
C SER C 260 -12.70 -5.49 9.03
N CYS C 261 -12.47 -6.63 9.68
CA CYS C 261 -13.17 -6.90 10.93
C CYS C 261 -12.43 -7.86 11.84
N HIS C 262 -12.90 -7.92 13.09
CA HIS C 262 -12.34 -8.82 14.10
C HIS C 262 -13.28 -10.00 14.23
N TYR C 263 -12.70 -11.18 14.39
CA TYR C 263 -13.49 -12.39 14.51
C TYR C 263 -13.13 -13.12 15.79
N PHE C 264 -14.09 -13.21 16.70
CA PHE C 264 -13.88 -13.89 17.97
C PHE C 264 -14.70 -15.17 17.90
N PHE C 265 -13.99 -16.29 17.97
CA PHE C 265 -14.62 -17.59 17.88
C PHE C 265 -14.28 -18.45 19.09
N GLY C 266 -15.13 -19.43 19.32
CA GLY C 266 -14.90 -20.32 20.44
C GLY C 266 -15.86 -21.49 20.40
N SER C 267 -15.53 -22.52 21.16
CA SER C 267 -16.34 -23.71 21.25
C SER C 267 -16.56 -24.04 22.71
N SER C 268 -17.82 -24.20 23.11
CA SER C 268 -18.16 -24.55 24.47
C SER C 268 -18.73 -25.95 24.46
N ARG C 269 -17.89 -26.93 24.82
CA ARG C 269 -18.26 -28.35 24.84
C ARG C 269 -19.10 -28.80 26.01
N ASN C 270 -19.81 -29.89 25.77
CA ASN C 270 -20.68 -30.52 26.74
C ASN C 270 -20.17 -31.95 26.92
N PHE C 271 -19.09 -32.27 26.19
CA PHE C 271 -18.49 -33.60 26.22
C PHE C 271 -16.97 -33.54 26.26
N GLY C 272 -16.34 -34.62 26.72
CA GLY C 272 -14.89 -34.69 26.80
C GLY C 272 -14.30 -33.48 27.47
N ILE C 273 -14.97 -33.00 28.52
CA ILE C 273 -14.54 -31.84 29.26
C ILE C 273 -13.14 -31.95 29.84
N ASP C 274 -12.72 -33.18 30.15
CA ASP C 274 -11.41 -33.41 30.73
C ASP C 274 -10.47 -34.04 29.70
N ASP C 275 -10.87 -34.03 28.44
CA ASP C 275 -10.09 -34.64 27.38
C ASP C 275 -9.35 -33.64 26.48
N PRO C 276 -8.04 -33.46 26.74
CA PRO C 276 -7.13 -32.57 26.02
C PRO C 276 -7.07 -32.83 24.52
N GLU C 277 -7.33 -34.07 24.12
CA GLU C 277 -7.29 -34.42 22.71
C GLU C 277 -8.45 -33.81 21.95
N MET C 278 -9.60 -33.67 22.60
CA MET C 278 -10.76 -33.08 21.95
C MET C 278 -10.49 -31.59 21.77
N ASP C 279 -9.83 -30.98 22.75
CA ASP C 279 -9.48 -29.57 22.67
C ASP C 279 -8.73 -29.33 21.37
N GLY C 280 -7.76 -30.20 21.09
CA GLY C 280 -6.98 -30.08 19.88
C GLY C 280 -7.85 -30.19 18.65
N VAL C 281 -8.70 -31.21 18.62
CA VAL C 281 -9.59 -31.42 17.49
C VAL C 281 -10.36 -30.15 17.19
N LEU C 282 -10.96 -29.56 18.24
CA LEU C 282 -11.74 -28.34 18.09
C LEU C 282 -10.91 -27.19 17.54
N ARG C 283 -9.75 -26.94 18.15
CA ARG C 283 -8.88 -25.86 17.69
C ARG C 283 -8.37 -26.14 16.29
N SER C 284 -8.25 -27.42 15.96
CA SER C 284 -7.77 -27.82 14.64
C SER C 284 -8.83 -27.51 13.58
N TRP C 285 -10.10 -27.55 13.98
CA TRP C 285 -11.19 -27.24 13.06
C TRP C 285 -11.33 -25.74 12.90
N GLN C 286 -11.24 -25.02 14.01
CA GLN C 286 -11.36 -23.56 14.00
C GLN C 286 -10.29 -22.92 13.12
N ALA C 287 -9.06 -23.40 13.24
CA ALA C 287 -7.96 -22.86 12.45
C ALA C 287 -8.18 -23.20 10.99
N GLN C 288 -8.65 -24.42 10.75
CA GLN C 288 -8.93 -24.90 9.40
C GLN C 288 -10.12 -24.17 8.79
N ALA C 289 -11.30 -24.46 9.33
CA ALA C 289 -12.54 -23.87 8.86
C ALA C 289 -12.62 -22.34 8.86
N LEU C 290 -12.57 -21.76 10.05
CA LEU C 290 -12.68 -20.31 10.20
C LEU C 290 -11.50 -19.47 9.70
N VAL C 291 -10.29 -20.01 9.79
CA VAL C 291 -9.12 -19.24 9.37
C VAL C 291 -8.53 -19.64 8.01
N LYS C 292 -8.70 -20.90 7.63
CA LYS C 292 -8.13 -21.37 6.36
C LYS C 292 -9.19 -21.68 5.30
N GLU C 293 -10.44 -21.35 5.59
CA GLU C 293 -11.52 -21.63 4.64
C GLU C 293 -12.49 -20.45 4.46
N ASP C 294 -13.19 -20.06 5.51
CA ASP C 294 -14.12 -18.94 5.37
C ASP C 294 -13.41 -17.63 5.05
N LYS C 295 -12.23 -17.42 5.63
CA LYS C 295 -11.47 -16.20 5.38
C LYS C 295 -11.12 -16.04 3.91
N VAL C 296 -10.65 -17.13 3.29
CA VAL C 296 -10.28 -17.10 1.88
C VAL C 296 -11.47 -16.68 1.01
N VAL C 297 -12.64 -17.24 1.29
CA VAL C 297 -13.82 -16.90 0.50
C VAL C 297 -14.29 -15.46 0.67
N VAL C 298 -14.51 -15.04 1.91
CA VAL C 298 -14.97 -13.68 2.13
C VAL C 298 -13.97 -12.61 1.73
N GLU C 299 -12.68 -12.89 1.87
CA GLU C 299 -11.68 -11.89 1.48
C GLU C 299 -11.68 -11.71 -0.03
N ALA C 300 -11.94 -12.80 -0.76
CA ALA C 300 -11.99 -12.75 -2.22
C ALA C 300 -13.22 -11.97 -2.65
N ILE C 301 -14.33 -12.16 -1.94
CA ILE C 301 -15.56 -11.45 -2.26
C ILE C 301 -15.37 -9.95 -2.00
N GLU C 302 -14.67 -9.61 -0.92
CA GLU C 302 -14.43 -8.19 -0.62
C GLU C 302 -13.67 -7.54 -1.77
N ARG C 303 -12.74 -8.29 -2.35
CA ARG C 303 -11.93 -7.78 -3.47
C ARG C 303 -12.77 -7.53 -4.72
N ARG C 304 -14.00 -8.01 -4.73
CA ARG C 304 -14.86 -7.81 -5.89
C ARG C 304 -15.96 -6.78 -5.69
N ARG C 305 -16.00 -6.18 -4.50
CA ARG C 305 -17.01 -5.17 -4.18
C ARG C 305 -16.95 -3.95 -5.09
N ALA C 306 -15.75 -3.46 -5.38
CA ALA C 306 -15.62 -2.29 -6.24
C ALA C 306 -16.31 -2.53 -7.58
N TYR C 307 -16.06 -3.68 -8.19
CA TYR C 307 -16.67 -3.98 -9.48
C TYR C 307 -18.19 -4.10 -9.36
N VAL C 308 -18.66 -4.87 -8.39
CA VAL C 308 -20.11 -5.04 -8.26
C VAL C 308 -20.80 -3.71 -8.05
N GLU C 309 -20.22 -2.86 -7.22
CA GLU C 309 -20.82 -1.55 -6.96
C GLU C 309 -20.69 -0.63 -8.17
N ALA C 310 -19.50 -0.58 -8.78
CA ALA C 310 -19.30 0.28 -9.95
C ALA C 310 -20.38 -0.03 -10.97
N ASN C 311 -20.68 -1.32 -11.10
CA ASN C 311 -21.71 -1.76 -12.00
C ASN C 311 -22.90 -1.92 -11.07
N GLY C 312 -24.10 -2.14 -11.58
CA GLY C 312 -25.22 -2.25 -10.66
C GLY C 312 -25.60 -3.68 -10.33
N ILE C 313 -24.61 -4.48 -9.94
CA ILE C 313 -24.86 -5.88 -9.64
C ILE C 313 -25.42 -6.17 -8.25
N ARG C 314 -26.51 -6.92 -8.21
CA ARG C 314 -27.16 -7.30 -6.96
C ARG C 314 -27.09 -8.83 -6.84
N PRO C 315 -27.02 -9.35 -5.62
CA PRO C 315 -26.95 -10.80 -5.43
C PRO C 315 -28.25 -11.52 -5.80
N ALA C 316 -28.12 -12.76 -6.27
CA ALA C 316 -29.28 -13.57 -6.63
C ALA C 316 -29.47 -14.61 -5.54
N MET C 317 -30.49 -14.42 -4.71
CA MET C 317 -30.75 -15.32 -3.59
C MET C 317 -31.31 -16.69 -3.93
N LEU C 318 -30.94 -17.67 -3.11
CA LEU C 318 -31.39 -19.04 -3.28
C LEU C 318 -32.32 -19.40 -2.12
N SER C 319 -32.85 -20.62 -2.13
CA SER C 319 -33.77 -21.05 -1.08
C SER C 319 -33.14 -21.04 0.30
N CYS C 320 -31.85 -21.35 0.35
CA CYS C 320 -31.11 -21.41 1.61
C CYS C 320 -30.65 -20.07 2.19
N ASP C 321 -31.08 -18.96 1.60
CA ASP C 321 -30.65 -17.64 2.07
C ASP C 321 -31.61 -16.91 3.01
N GLU C 322 -32.71 -17.54 3.37
CA GLU C 322 -33.70 -16.88 4.24
C GLU C 322 -33.11 -16.24 5.50
N ALA C 323 -32.47 -17.05 6.35
CA ALA C 323 -31.89 -16.52 7.58
C ALA C 323 -30.94 -15.35 7.34
N ALA C 324 -29.96 -15.54 6.46
CA ALA C 324 -28.99 -14.50 6.15
C ALA C 324 -29.64 -13.22 5.67
N VAL C 325 -30.63 -13.35 4.78
CA VAL C 325 -31.33 -12.19 4.26
C VAL C 325 -32.06 -11.42 5.35
N ARG C 326 -32.74 -12.13 6.26
CA ARG C 326 -33.47 -11.45 7.33
C ARG C 326 -32.50 -10.72 8.27
N VAL C 327 -31.39 -11.36 8.62
CA VAL C 327 -30.41 -10.72 9.50
C VAL C 327 -29.89 -9.46 8.80
N SER C 328 -29.56 -9.61 7.51
CA SER C 328 -29.05 -8.51 6.71
C SER C 328 -30.01 -7.32 6.71
N ARG C 329 -31.30 -7.61 6.64
CA ARG C 329 -32.30 -6.55 6.65
C ARG C 329 -32.42 -5.89 8.01
N GLU C 330 -32.25 -6.68 9.07
CA GLU C 330 -32.33 -6.13 10.42
C GLU C 330 -31.15 -5.17 10.64
N ILE C 331 -29.96 -5.59 10.21
CA ILE C 331 -28.78 -4.76 10.36
C ILE C 331 -28.97 -3.46 9.58
N GLU C 332 -29.62 -3.56 8.41
CA GLU C 332 -29.87 -2.39 7.59
C GLU C 332 -30.77 -1.40 8.32
N LYS C 333 -31.85 -1.91 8.89
CA LYS C 333 -32.79 -1.07 9.64
C LYS C 333 -32.04 -0.31 10.73
N LEU C 334 -31.23 -1.04 11.49
CA LEU C 334 -30.47 -0.45 12.59
C LEU C 334 -29.59 0.70 12.10
N GLU C 335 -29.02 0.54 10.91
CA GLU C 335 -28.17 1.59 10.34
C GLU C 335 -29.02 2.80 10.04
N GLN C 336 -30.17 2.56 9.41
CA GLN C 336 -31.09 3.64 9.04
C GLN C 336 -31.62 4.34 10.30
N LEU C 337 -32.07 3.57 11.27
CA LEU C 337 -32.59 4.15 12.51
C LEU C 337 -31.56 5.07 13.14
N GLU C 338 -30.31 4.64 13.17
CA GLU C 338 -29.24 5.44 13.77
C GLU C 338 -28.94 6.65 12.91
N ALA C 339 -28.92 6.47 11.59
CA ALA C 339 -28.66 7.57 10.68
C ALA C 339 -29.75 8.61 10.82
N ALA C 340 -30.98 8.16 11.08
CA ALA C 340 -32.11 9.04 11.24
C ALA C 340 -31.95 9.86 12.53
N ARG C 341 -31.51 9.19 13.59
CA ARG C 341 -31.31 9.84 14.88
C ARG C 341 -30.34 11.00 14.72
N LEU C 342 -29.25 10.74 13.98
CA LEU C 342 -28.23 11.74 13.73
C LEU C 342 -28.86 13.06 13.29
#